data_5KOQ
#
_entry.id   5KOQ
#
_cell.length_a   138.562
_cell.length_b   138.562
_cell.length_c   138.562
_cell.angle_alpha   90.000
_cell.angle_beta   90.000
_cell.angle_gamma   90.000
#
_symmetry.space_group_name_H-M   'P 21 3'
#
loop_
_entity.id
_entity.type
_entity.pdbx_description
1 polymer Renin
2 non-polymer 2-acetamido-2-deoxy-beta-D-glucopyranose
3 non-polymer 2-~{tert}-butyl-4-(furan-2-ylmethylamino)-~{N}-(2-methylpropyl)-~{N}-[(3~{S})-piperidin-3-yl]pyrimidine-5-carboxamide
4 non-polymer DI(HYDROXYETHYL)ETHER
5 water water
#
_entity_poly.entity_id   1
_entity_poly.type   'polypeptide(L)'
_entity_poly.pdbx_seq_one_letter_code
;GNTTSSVILTNYMDTQYYGEIGIGTPPQTFKVVFDTGSSNVWVPSSKCSRLYTACVYHKLFDASDSSSYKHNGTELTLRY
STGTVSGFLSQDIITVGGITVTQMFGEVTEMPALPFMLAEFDGVVGMGFIEQAIGRVTPIFDNIISQGVLKEDVFSFYYN
RDSENSQSLGGQIVLGGSDPQHYEGNFHYINLIKTGVWQIQMKGVSVGSSTLLCEDGCLALVDTGASYISGSTSSIEKLM
EALGAKKRLFDYVVKCNEGPTLPDISFHLGGKEYTLTSADYVFQESYSSKKLCTLAIHAMDIPPPTGPTWALGATFIRKF
YTEFDRRNNRIGFALAR
;
_entity_poly.pdbx_strand_id   A,B
#
loop_
_chem_comp.id
_chem_comp.type
_chem_comp.name
_chem_comp.formula
6VR non-polymer 2-~{tert}-butyl-4-(furan-2-ylmethylamino)-~{N}-(2-methylpropyl)-~{N}-[(3~{S})-piperidin-3-yl]pyrimidine-5-carboxamide 'C23 H35 N5 O2'
NAG D-saccharide, beta linking 2-acetamido-2-deoxy-beta-D-glucopyranose 'C8 H15 N O6'
PEG non-polymer DI(HYDROXYETHYL)ETHER 'C4 H10 O3'
#
# COMPACT_ATOMS: atom_id res chain seq x y z
N ASN A 2 33.91 -2.64 0.77
CA ASN A 2 32.69 -3.28 1.33
C ASN A 2 31.79 -2.29 2.11
N THR A 3 31.21 -1.33 1.38
CA THR A 3 30.30 -0.32 1.95
C THR A 3 28.93 -0.34 1.26
N THR A 4 27.95 0.31 1.89
CA THR A 4 26.58 0.38 1.39
C THR A 4 26.09 1.83 1.38
N SER A 5 25.22 2.18 0.43
CA SER A 5 24.80 3.57 0.27
C SER A 5 23.39 3.74 -0.32
N SER A 6 22.65 4.70 0.23
CA SER A 6 21.27 4.94 -0.20
C SER A 6 21.02 6.33 -0.80
N VAL A 7 20.09 6.39 -1.75
CA VAL A 7 19.56 7.63 -2.30
C VAL A 7 18.11 7.80 -1.83
N ILE A 8 17.82 8.94 -1.19
CA ILE A 8 16.45 9.30 -0.78
C ILE A 8 15.65 9.70 -2.02
N LEU A 9 14.50 9.05 -2.23
CA LEU A 9 13.63 9.41 -3.35
C LEU A 9 12.41 10.19 -2.92
N THR A 10 12.01 11.14 -3.79
CA THR A 10 10.73 11.82 -3.72
C THR A 10 9.72 11.06 -4.57
N ASN A 11 8.50 10.93 -4.04
CA ASN A 11 7.35 10.35 -4.74
C ASN A 11 6.38 11.45 -5.15
N TYR A 12 6.35 11.76 -6.44
CA TYR A 12 5.35 12.67 -6.96
C TYR A 12 4.16 11.87 -7.49
N MET A 13 3.07 11.92 -6.72
CA MET A 13 1.74 11.40 -7.09
C MET A 13 1.66 9.94 -7.54
N ASP A 14 2.56 9.10 -7.01
CA ASP A 14 2.67 7.67 -7.36
C ASP A 14 3.07 7.35 -8.81
N THR A 15 3.48 8.37 -9.55
CA THR A 15 3.83 8.19 -10.97
C THR A 15 5.27 8.56 -11.27
N GLN A 16 5.85 9.44 -10.46
CA GLN A 16 7.20 9.90 -10.67
C GLN A 16 8.02 9.78 -9.40
N TYR A 17 9.05 8.95 -9.47
CA TYR A 17 9.98 8.71 -8.36
C TYR A 17 11.36 9.11 -8.80
N TYR A 18 11.97 10.01 -8.03
CA TYR A 18 13.27 10.55 -8.40
C TYR A 18 14.09 10.93 -7.16
N GLY A 19 15.41 10.88 -7.31
CA GLY A 19 16.33 11.35 -6.28
C GLY A 19 17.24 12.44 -6.82
N GLU A 20 18.14 12.90 -5.97
CA GLU A 20 19.02 13.99 -6.30
C GLU A 20 20.42 13.46 -6.56
N ILE A 21 21.04 13.91 -7.64
CA ILE A 21 22.46 13.67 -7.87
C ILE A 21 23.15 15.01 -8.05
N GLY A 22 24.48 15.02 -7.92
CA GLY A 22 25.27 16.22 -8.16
C GLY A 22 26.19 15.97 -9.32
N ILE A 23 26.25 16.91 -10.26
CA ILE A 23 27.17 16.81 -11.40
C ILE A 23 28.12 18.00 -11.43
N GLY A 24 29.42 17.71 -11.45
CA GLY A 24 30.45 18.71 -11.58
C GLY A 24 31.08 19.28 -10.32
N THR A 25 32.05 20.16 -10.54
CA THR A 25 32.74 20.89 -9.49
C THR A 25 32.53 22.40 -9.74
N PRO A 26 31.78 23.09 -8.86
CA PRO A 26 31.05 22.50 -7.72
C PRO A 26 29.78 21.72 -8.16
N PRO A 27 29.19 20.87 -7.27
CA PRO A 27 28.05 20.07 -7.72
C PRO A 27 26.84 20.90 -8.16
N GLN A 28 26.37 20.62 -9.37
CA GLN A 28 25.08 21.12 -9.84
C GLN A 28 24.12 19.95 -9.61
N THR A 29 23.05 20.21 -8.88
CA THR A 29 22.16 19.12 -8.45
C THR A 29 21.01 18.96 -9.42
N PHE A 30 20.58 17.71 -9.59
CA PHE A 30 19.53 17.36 -10.53
C PHE A 30 18.58 16.35 -9.93
N LYS A 31 17.31 16.47 -10.27
CA LYS A 31 16.32 15.48 -9.93
C LYS A 31 16.34 14.44 -11.05
N VAL A 32 16.67 13.20 -10.71
CA VAL A 32 16.84 12.13 -11.70
C VAL A 32 16.06 10.86 -11.37
N VAL A 33 15.48 10.27 -12.42
CA VAL A 33 14.84 8.97 -12.32
C VAL A 33 15.93 7.91 -12.43
N PHE A 34 15.94 7.02 -11.44
CA PHE A 34 16.81 5.86 -11.51
C PHE A 34 16.04 4.76 -12.20
N ASP A 35 16.46 4.49 -13.44
CA ASP A 35 15.68 3.72 -14.39
C ASP A 35 16.39 2.43 -14.80
N THR A 36 15.84 1.30 -14.37
CA THR A 36 16.36 -0.02 -14.74
C THR A 36 15.99 -0.42 -16.17
N GLY A 37 15.18 0.41 -16.83
CA GLY A 37 14.73 0.16 -18.19
C GLY A 37 15.54 0.86 -19.26
N SER A 38 16.51 1.67 -18.83
CA SER A 38 17.49 2.28 -19.74
C SER A 38 18.86 2.27 -19.07
N SER A 39 19.90 2.66 -19.82
CA SER A 39 21.28 2.51 -19.35
C SER A 39 22.14 3.78 -19.48
N ASN A 40 21.53 4.87 -19.94
CA ASN A 40 22.25 6.13 -20.10
C ASN A 40 21.95 7.10 -18.97
N VAL A 41 22.90 7.98 -18.70
CA VAL A 41 22.68 9.11 -17.81
C VAL A 41 22.50 10.35 -18.68
N TRP A 42 21.41 11.08 -18.45
CA TRP A 42 21.26 12.38 -19.08
C TRP A 42 20.60 13.39 -18.16
N VAL A 43 21.04 14.62 -18.31
CA VAL A 43 20.36 15.75 -17.71
C VAL A 43 20.17 16.77 -18.82
N PRO A 44 19.22 17.72 -18.67
CA PRO A 44 19.14 18.77 -19.68
C PRO A 44 20.38 19.68 -19.62
N SER A 45 20.75 20.23 -20.78
CA SER A 45 22.00 20.98 -20.93
C SER A 45 21.73 22.47 -21.05
N SER A 46 22.70 23.29 -20.64
CA SER A 46 22.66 24.74 -20.85
C SER A 46 22.67 25.10 -22.34
N LYS A 47 23.19 24.20 -23.18
CA LYS A 47 23.19 24.35 -24.65
C LYS A 47 21.81 24.09 -25.27
N CYS A 48 20.84 23.64 -24.47
CA CYS A 48 19.49 23.42 -24.95
C CYS A 48 18.79 24.74 -25.25
N SER A 49 18.30 24.86 -26.49
CA SER A 49 17.57 26.05 -26.93
C SER A 49 16.40 26.34 -25.99
N ARG A 50 16.25 27.60 -25.64
CA ARG A 50 15.19 28.00 -24.73
C ARG A 50 13.81 27.96 -25.39
N LEU A 51 13.81 27.70 -26.70
CA LEU A 51 12.59 27.38 -27.44
C LEU A 51 12.01 26.02 -27.03
N TYR A 52 12.84 25.18 -26.40
CA TYR A 52 12.36 24.03 -25.65
C TYR A 52 11.92 24.46 -24.25
N THR A 53 10.62 24.60 -24.08
CA THR A 53 10.03 25.04 -22.81
C THR A 53 10.37 24.12 -21.63
N ALA A 54 10.52 22.82 -21.91
CA ALA A 54 10.99 21.85 -20.95
C ALA A 54 12.38 22.23 -20.40
N CYS A 55 13.22 22.79 -21.26
CA CYS A 55 14.54 23.30 -20.84
C CYS A 55 14.44 24.59 -20.02
N VAL A 56 13.38 25.37 -20.24
CA VAL A 56 13.11 26.52 -19.39
C VAL A 56 12.70 26.05 -17.99
N TYR A 57 11.94 24.95 -17.90
CA TYR A 57 11.34 24.50 -16.64
C TYR A 57 12.14 23.47 -15.81
N HIS A 58 13.30 23.05 -16.31
CA HIS A 58 14.13 22.12 -15.59
C HIS A 58 15.53 22.68 -15.34
N LYS A 59 16.20 22.08 -14.36
CA LYS A 59 17.60 22.38 -14.07
C LYS A 59 18.45 21.98 -15.28
N LEU A 60 19.33 22.90 -15.69
CA LEU A 60 20.25 22.69 -16.82
C LEU A 60 21.67 22.53 -16.33
N PHE A 61 22.38 21.53 -16.86
CA PHE A 61 23.80 21.37 -16.59
C PHE A 61 24.56 22.38 -17.41
N ASP A 62 25.32 23.21 -16.70
CA ASP A 62 26.19 24.16 -17.34
C ASP A 62 27.64 23.70 -17.20
N ALA A 63 28.17 23.15 -18.30
CA ALA A 63 29.57 22.73 -18.40
C ALA A 63 30.55 23.87 -18.11
N SER A 64 30.14 25.09 -18.47
CA SER A 64 30.94 26.29 -18.23
C SER A 64 31.09 26.64 -16.75
N ASP A 65 30.31 25.97 -15.89
CA ASP A 65 30.38 26.20 -14.45
C ASP A 65 31.01 25.03 -13.73
N SER A 66 31.44 24.01 -14.47
CA SER A 66 32.16 22.88 -13.89
C SER A 66 33.64 22.92 -14.24
N SER A 67 34.49 22.86 -13.23
CA SER A 67 35.95 22.82 -13.44
C SER A 67 36.47 21.40 -13.66
N SER A 68 35.59 20.40 -13.56
CA SER A 68 35.95 18.99 -13.70
C SER A 68 35.38 18.36 -14.97
N TYR A 69 34.69 19.17 -15.78
CA TYR A 69 34.11 18.74 -17.04
C TYR A 69 35.15 18.31 -18.06
N LYS A 70 34.81 17.27 -18.82
CA LYS A 70 35.62 16.84 -19.96
C LYS A 70 34.73 16.71 -21.19
N HIS A 71 35.00 17.57 -22.16
CA HIS A 71 34.35 17.58 -23.47
C HIS A 71 34.45 16.23 -24.17
N ASN A 72 33.35 15.87 -24.84
CA ASN A 72 33.34 14.79 -25.82
C ASN A 72 32.56 15.26 -27.04
N GLY A 73 31.27 15.48 -26.87
CA GLY A 73 30.46 16.10 -27.90
C GLY A 73 29.97 15.18 -28.99
N THR A 74 30.09 13.86 -28.79
CA THR A 74 29.45 12.87 -29.65
C THR A 74 27.96 12.99 -29.47
N GLU A 75 27.25 13.12 -30.59
CA GLU A 75 25.79 13.19 -30.59
C GLU A 75 25.19 11.87 -30.11
N LEU A 76 24.13 11.99 -29.33
CA LEU A 76 23.35 10.83 -28.91
C LEU A 76 21.87 11.17 -28.92
N THR A 77 21.07 10.16 -29.25
CA THR A 77 19.63 10.27 -29.29
C THR A 77 19.08 9.09 -28.53
N LEU A 78 18.35 9.40 -27.46
CA LEU A 78 17.77 8.39 -26.60
C LEU A 78 16.29 8.29 -26.89
N ARG A 79 15.91 7.20 -27.53
CA ARG A 79 14.52 6.93 -27.89
C ARG A 79 13.90 6.09 -26.79
N TYR A 80 13.03 6.70 -26.01
CA TYR A 80 12.20 5.96 -25.09
C TYR A 80 10.85 5.71 -25.75
N SER A 81 10.08 4.79 -25.17
CA SER A 81 8.73 4.44 -25.64
C SER A 81 7.74 5.61 -25.60
N THR A 82 7.97 6.58 -24.71
CA THR A 82 7.02 7.67 -24.44
C THR A 82 7.48 9.01 -25.05
N GLY A 83 8.68 9.02 -25.61
CA GLY A 83 9.28 10.24 -26.14
C GLY A 83 10.78 10.14 -26.27
N THR A 84 11.37 11.11 -26.96
CA THR A 84 12.79 11.10 -27.29
C THR A 84 13.50 12.32 -26.72
N VAL A 85 14.70 12.10 -26.17
CA VAL A 85 15.66 13.19 -25.90
C VAL A 85 16.88 13.04 -26.80
N SER A 86 17.47 14.18 -27.16
CA SER A 86 18.61 14.23 -28.02
C SER A 86 19.62 15.26 -27.50
N GLY A 87 20.90 15.02 -27.77
CA GLY A 87 21.98 15.90 -27.34
C GLY A 87 23.34 15.34 -27.65
N PHE A 88 24.29 15.53 -26.73
CA PHE A 88 25.70 15.15 -26.93
C PHE A 88 26.35 14.62 -25.64
N LEU A 89 27.42 13.84 -25.79
CA LEU A 89 28.08 13.27 -24.60
C LEU A 89 29.04 14.22 -23.92
N SER A 90 29.06 14.15 -22.59
CA SER A 90 30.04 14.85 -21.77
C SER A 90 30.51 13.95 -20.63
N GLN A 91 31.62 14.34 -20.01
CA GLN A 91 32.17 13.61 -18.90
C GLN A 91 32.39 14.57 -17.73
N ASP A 92 31.90 14.17 -16.58
CA ASP A 92 32.12 14.91 -15.34
C ASP A 92 32.03 13.96 -14.15
N ILE A 93 32.30 14.51 -12.97
CA ILE A 93 32.16 13.80 -11.71
C ILE A 93 30.68 13.83 -11.30
N ILE A 94 30.11 12.66 -11.00
CA ILE A 94 28.72 12.57 -10.53
C ILE A 94 28.69 12.00 -9.13
N THR A 95 28.03 12.70 -8.21
CA THR A 95 27.81 12.19 -6.86
C THR A 95 26.42 11.62 -6.69
N VAL A 96 26.37 10.40 -6.15
CA VAL A 96 25.14 9.65 -5.97
C VAL A 96 25.26 8.84 -4.68
N GLY A 97 24.48 9.25 -3.67
CA GLY A 97 24.53 8.66 -2.33
C GLY A 97 25.91 8.69 -1.71
N GLY A 98 26.59 9.82 -1.80
CA GLY A 98 27.96 9.94 -1.29
C GLY A 98 29.02 9.15 -2.04
N ILE A 99 28.65 8.55 -3.18
CA ILE A 99 29.63 7.91 -4.06
C ILE A 99 29.96 8.87 -5.20
N THR A 100 31.24 9.16 -5.34
CA THR A 100 31.78 10.01 -6.38
C THR A 100 32.29 9.10 -7.51
N VAL A 101 31.81 9.36 -8.72
CA VAL A 101 32.22 8.60 -9.90
C VAL A 101 32.41 9.51 -11.12
N THR A 102 33.48 9.30 -11.88
CA THR A 102 33.67 9.97 -13.16
C THR A 102 32.85 9.20 -14.19
N GLN A 103 32.01 9.94 -14.91
CA GLN A 103 30.91 9.35 -15.66
C GLN A 103 30.62 10.13 -16.95
N MET A 104 30.51 9.38 -18.06
CA MET A 104 29.99 9.90 -19.33
C MET A 104 28.47 9.96 -19.25
N PHE A 105 27.92 11.13 -19.57
CA PHE A 105 26.49 11.37 -19.54
C PHE A 105 26.09 12.21 -20.74
N GLY A 106 24.80 12.20 -21.05
CA GLY A 106 24.25 12.98 -22.15
C GLY A 106 23.81 14.34 -21.67
N GLU A 107 24.26 15.37 -22.37
CA GLU A 107 23.79 16.73 -22.18
C GLU A 107 22.68 16.92 -23.21
N VAL A 108 21.45 16.96 -22.73
CA VAL A 108 20.29 17.02 -23.60
C VAL A 108 20.05 18.45 -24.09
N THR A 109 20.11 18.61 -25.40
CA THR A 109 19.88 19.90 -26.05
C THR A 109 18.51 19.96 -26.73
N GLU A 110 17.85 18.80 -26.81
CA GLU A 110 16.55 18.68 -27.46
C GLU A 110 15.59 17.88 -26.60
N MET A 111 14.65 18.60 -26.01
CA MET A 111 13.79 18.06 -24.94
C MET A 111 12.34 18.48 -25.16
N PRO A 112 11.55 17.65 -25.90
CA PRO A 112 10.18 17.96 -26.32
C PRO A 112 9.26 18.32 -25.16
N ALA A 113 8.50 19.39 -25.34
CA ALA A 113 7.55 19.89 -24.34
C ALA A 113 6.60 18.79 -23.88
N LEU A 114 6.12 18.00 -24.82
CA LEU A 114 5.45 16.75 -24.50
C LEU A 114 6.43 15.61 -24.82
N PRO A 115 6.76 14.77 -23.85
CA PRO A 115 6.09 14.72 -22.54
C PRO A 115 6.82 15.46 -21.41
N PHE A 116 7.95 16.10 -21.71
CA PHE A 116 8.88 16.47 -20.66
C PHE A 116 8.51 17.63 -19.74
N MET A 117 7.57 18.46 -20.18
CA MET A 117 6.93 19.45 -19.32
C MET A 117 6.16 18.81 -18.17
N LEU A 118 5.77 17.54 -18.33
CA LEU A 118 5.06 16.81 -17.29
C LEU A 118 6.00 16.17 -16.26
N ALA A 119 7.30 16.17 -16.56
CA ALA A 119 8.32 15.59 -15.67
C ALA A 119 8.65 16.52 -14.52
N GLU A 120 8.54 16.00 -13.31
CA GLU A 120 9.04 16.67 -12.13
C GLU A 120 10.56 16.57 -12.06
N PHE A 121 11.07 15.42 -12.52
CA PHE A 121 12.50 15.18 -12.61
C PHE A 121 13.11 15.94 -13.77
N ASP A 122 14.41 16.21 -13.66
CA ASP A 122 15.19 16.86 -14.71
C ASP A 122 15.72 15.88 -15.75
N GLY A 123 16.24 14.74 -15.29
CA GLY A 123 16.86 13.77 -16.18
C GLY A 123 16.75 12.33 -15.70
N VAL A 124 17.59 11.47 -16.25
CA VAL A 124 17.52 10.03 -15.99
C VAL A 124 18.90 9.48 -15.66
N VAL A 125 18.97 8.66 -14.63
CA VAL A 125 20.12 7.80 -14.39
C VAL A 125 19.73 6.36 -14.76
N GLY A 126 20.27 5.88 -15.87
CA GLY A 126 20.03 4.52 -16.34
C GLY A 126 20.72 3.47 -15.49
N MET A 127 19.93 2.50 -15.03
CA MET A 127 20.41 1.41 -14.17
C MET A 127 20.48 0.07 -14.91
N GLY A 128 20.36 0.13 -16.23
CA GLY A 128 20.51 -1.04 -17.09
C GLY A 128 21.96 -1.39 -17.40
N PHE A 129 22.11 -2.31 -18.35
CA PHE A 129 23.40 -2.87 -18.73
C PHE A 129 24.02 -2.09 -19.88
N ILE A 130 25.32 -2.25 -20.10
CA ILE A 130 26.04 -1.61 -21.22
C ILE A 130 25.47 -1.99 -22.60
N GLU A 131 24.90 -3.20 -22.69
CA GLU A 131 24.29 -3.74 -23.91
C GLU A 131 23.13 -2.89 -24.43
N GLN A 132 22.40 -2.25 -23.51
CA GLN A 132 21.29 -1.36 -23.87
C GLN A 132 21.69 0.11 -23.89
N ALA A 133 22.95 0.40 -23.56
CA ALA A 133 23.44 1.79 -23.50
C ALA A 133 23.75 2.36 -24.86
N ILE A 134 23.00 3.41 -25.23
CA ILE A 134 23.21 4.14 -26.49
C ILE A 134 24.60 4.81 -26.44
N GLY A 135 25.37 4.59 -27.49
CA GLY A 135 26.74 5.06 -27.58
C GLY A 135 27.76 4.08 -27.01
N ARG A 136 27.27 2.96 -26.46
CA ARG A 136 28.08 2.00 -25.68
C ARG A 136 28.79 2.68 -24.50
N VAL A 137 28.10 3.68 -23.93
CA VAL A 137 28.58 4.45 -22.79
C VAL A 137 28.46 3.59 -21.55
N THR A 138 29.54 3.50 -20.77
CA THR A 138 29.53 2.72 -19.52
C THR A 138 28.52 3.30 -18.51
N PRO A 139 27.52 2.50 -18.11
CA PRO A 139 26.49 2.97 -17.18
C PRO A 139 27.06 3.27 -15.80
N ILE A 140 26.37 4.10 -15.02
CA ILE A 140 26.90 4.59 -13.74
C ILE A 140 27.19 3.46 -12.74
N PHE A 141 26.32 2.44 -12.68
CA PHE A 141 26.51 1.36 -11.74
C PHE A 141 27.73 0.51 -12.09
N ASP A 142 27.95 0.31 -13.40
CA ASP A 142 29.14 -0.38 -13.89
C ASP A 142 30.40 0.33 -13.42
N ASN A 143 30.34 1.67 -13.48
CA ASN A 143 31.40 2.54 -12.99
C ASN A 143 31.62 2.47 -11.46
N ILE A 144 30.52 2.39 -10.70
CA ILE A 144 30.61 2.27 -9.24
C ILE A 144 31.17 0.89 -8.84
N ILE A 145 30.78 -0.16 -9.57
CA ILE A 145 31.30 -1.51 -9.36
C ILE A 145 32.82 -1.57 -9.56
N SER A 146 33.30 -0.88 -10.62
CA SER A 146 34.72 -0.79 -10.95
C SER A 146 35.58 -0.27 -9.81
N GLN A 147 35.02 0.65 -9.02
CA GLN A 147 35.71 1.26 -7.87
C GLN A 147 35.99 0.29 -6.74
N GLY A 148 35.19 -0.78 -6.66
CA GLY A 148 35.35 -1.81 -5.64
C GLY A 148 35.00 -1.33 -4.25
N VAL A 149 34.05 -0.41 -4.15
CA VAL A 149 33.62 0.16 -2.86
C VAL A 149 32.43 -0.59 -2.25
N LEU A 150 31.52 -1.06 -3.11
CA LEU A 150 30.25 -1.64 -2.66
C LEU A 150 30.39 -3.06 -2.12
N LYS A 151 29.56 -3.38 -1.12
CA LYS A 151 29.54 -4.69 -0.47
C LYS A 151 29.10 -5.81 -1.41
N GLU A 152 28.14 -5.50 -2.28
CA GLU A 152 27.60 -6.46 -3.25
C GLU A 152 27.36 -5.81 -4.60
N ASP A 153 27.36 -6.64 -5.65
CA ASP A 153 27.06 -6.21 -7.01
C ASP A 153 25.53 -6.18 -7.19
N VAL A 154 24.86 -5.49 -6.27
CA VAL A 154 23.39 -5.38 -6.26
C VAL A 154 22.92 -3.94 -5.99
N PHE A 155 21.71 -3.62 -6.47
CA PHE A 155 21.00 -2.44 -6.02
C PHE A 155 19.51 -2.74 -5.83
N SER A 156 18.90 -2.02 -4.90
CA SER A 156 17.52 -2.27 -4.49
C SER A 156 16.63 -1.05 -4.59
N PHE A 157 15.36 -1.28 -4.89
CA PHE A 157 14.36 -0.21 -4.95
C PHE A 157 13.23 -0.42 -3.97
N TYR A 158 12.98 0.63 -3.18
CA TYR A 158 11.77 0.78 -2.42
C TYR A 158 11.00 1.99 -2.96
N TYR A 159 9.74 1.78 -3.34
CA TYR A 159 8.83 2.86 -3.75
C TYR A 159 7.65 2.90 -2.80
N ASN A 160 7.51 4.03 -2.09
CA ASN A 160 6.45 4.20 -1.10
C ASN A 160 5.08 4.35 -1.74
N ARG A 161 4.05 3.88 -1.03
CA ARG A 161 2.67 4.01 -1.46
C ARG A 161 2.12 5.40 -1.13
N ASP A 162 2.79 6.11 -0.22
CA ASP A 162 2.36 7.42 0.23
C ASP A 162 3.13 8.51 -0.50
N SER A 163 2.38 9.38 -1.18
CA SER A 163 2.93 10.54 -1.89
C SER A 163 2.44 11.86 -1.28
N GLU A 164 1.29 11.78 -0.60
CA GLU A 164 0.62 12.94 0.01
C GLU A 164 1.32 13.39 1.29
N ASN A 165 1.58 12.44 2.18
CA ASN A 165 2.24 12.71 3.46
C ASN A 165 3.72 13.02 3.27
N SER A 166 4.03 14.32 3.25
CA SER A 166 5.37 14.82 2.96
C SER A 166 6.38 14.62 4.11
N GLN A 167 5.87 14.24 5.28
CA GLN A 167 6.69 13.88 6.45
C GLN A 167 7.09 12.39 6.46
N SER A 168 7.01 11.73 5.30
CA SER A 168 7.40 10.32 5.11
C SER A 168 8.35 10.15 3.93
N LEU A 169 9.02 9.00 3.87
CA LEU A 169 10.00 8.69 2.82
C LEU A 169 9.31 8.28 1.52
N GLY A 170 9.49 9.09 0.48
CA GLY A 170 8.90 8.85 -0.84
C GLY A 170 9.40 7.61 -1.56
N GLY A 171 10.68 7.30 -1.34
CA GLY A 171 11.29 6.09 -1.87
C GLY A 171 12.74 6.01 -1.46
N GLN A 172 13.39 4.90 -1.80
CA GLN A 172 14.80 4.69 -1.48
C GLN A 172 15.47 3.73 -2.46
N ILE A 173 16.72 4.04 -2.81
CA ILE A 173 17.59 3.11 -3.55
C ILE A 173 18.83 2.82 -2.75
N VAL A 174 18.98 1.56 -2.34
CA VAL A 174 20.24 1.12 -1.75
C VAL A 174 21.16 0.66 -2.88
N LEU A 175 22.34 1.27 -2.96
CA LEU A 175 23.41 0.78 -3.79
C LEU A 175 24.31 -0.14 -2.95
N GLY A 176 24.44 -1.39 -3.38
CA GLY A 176 25.36 -2.34 -2.75
C GLY A 176 24.70 -3.30 -1.78
N GLY A 177 23.37 -3.26 -1.71
CA GLY A 177 22.58 -4.14 -0.83
C GLY A 177 21.10 -3.85 -0.90
N SER A 178 20.37 -4.33 0.11
CA SER A 178 18.96 -3.99 0.30
C SER A 178 18.75 -3.45 1.73
N ASP A 179 17.59 -2.84 1.98
CA ASP A 179 17.27 -2.28 3.30
C ASP A 179 16.12 -3.06 3.94
N PRO A 180 16.43 -3.83 5.01
CA PRO A 180 15.45 -4.69 5.70
C PRO A 180 14.31 -3.93 6.39
N GLN A 181 14.50 -2.63 6.64
CA GLN A 181 13.44 -1.77 7.17
C GLN A 181 12.30 -1.53 6.16
N HIS A 182 12.55 -1.84 4.88
CA HIS A 182 11.56 -1.64 3.81
C HIS A 182 11.03 -2.89 3.09
N TYR A 183 11.49 -4.06 3.50
CA TYR A 183 10.93 -5.33 3.02
C TYR A 183 10.67 -6.31 4.18
N GLU A 184 9.92 -7.36 3.88
CA GLU A 184 9.61 -8.43 4.83
C GLU A 184 9.45 -9.76 4.10
N GLY A 185 9.48 -10.86 4.86
CA GLY A 185 9.56 -12.20 4.29
C GLY A 185 10.89 -12.42 3.59
N ASN A 186 10.96 -13.50 2.83
CA ASN A 186 12.15 -13.80 2.04
C ASN A 186 12.07 -13.16 0.68
N PHE A 187 13.23 -13.02 0.05
CA PHE A 187 13.30 -12.68 -1.36
C PHE A 187 12.99 -13.90 -2.22
N HIS A 188 12.24 -13.65 -3.29
CA HIS A 188 12.05 -14.65 -4.34
C HIS A 188 12.87 -14.21 -5.55
N TYR A 189 13.80 -15.06 -5.96
CA TYR A 189 14.77 -14.74 -7.01
C TYR A 189 14.40 -15.35 -8.34
N ILE A 190 14.31 -14.48 -9.35
CA ILE A 190 14.02 -14.91 -10.72
C ILE A 190 15.20 -14.52 -11.61
N ASN A 191 15.80 -15.51 -12.26
CA ASN A 191 16.89 -15.29 -13.21
C ASN A 191 16.39 -14.60 -14.49
N LEU A 192 17.27 -13.79 -15.08
CA LEU A 192 16.96 -13.05 -16.30
C LEU A 192 17.04 -13.96 -17.51
N ILE A 193 16.20 -13.68 -18.52
CA ILE A 193 16.25 -14.37 -19.82
C ILE A 193 17.67 -14.29 -20.40
N LYS A 194 18.19 -13.07 -20.46
CA LYS A 194 19.53 -12.79 -20.90
C LYS A 194 20.13 -11.67 -20.06
N THR A 195 21.46 -11.68 -19.95
CA THR A 195 22.21 -10.51 -19.53
C THR A 195 22.05 -9.41 -20.60
N GLY A 196 22.13 -8.15 -20.17
CA GLY A 196 21.90 -7.03 -21.08
C GLY A 196 20.61 -6.29 -20.81
N VAL A 197 19.65 -6.94 -20.16
CA VAL A 197 18.32 -6.38 -19.93
C VAL A 197 17.72 -6.91 -18.60
N TRP A 198 17.05 -6.04 -17.85
CA TRP A 198 16.40 -6.43 -16.60
C TRP A 198 15.03 -7.06 -16.87
N GLN A 199 15.04 -8.18 -17.59
CA GLN A 199 13.85 -8.79 -18.15
C GLN A 199 13.77 -10.25 -17.73
N ILE A 200 12.59 -10.64 -17.26
CA ILE A 200 12.34 -11.99 -16.75
C ILE A 200 11.21 -12.70 -17.52
N GLN A 201 11.19 -14.03 -17.46
CA GLN A 201 10.12 -14.83 -18.06
C GLN A 201 8.84 -14.68 -17.26
N MET A 202 7.76 -14.34 -17.95
CA MET A 202 6.41 -14.39 -17.38
C MET A 202 5.61 -15.52 -18.04
N LYS A 203 4.93 -16.29 -17.22
CA LYS A 203 4.11 -17.39 -17.71
C LYS A 203 2.65 -17.27 -17.24
N GLY A 204 2.12 -16.05 -17.30
CA GLY A 204 0.70 -15.80 -17.04
C GLY A 204 0.34 -14.43 -16.51
N VAL A 205 -0.71 -13.84 -17.08
CA VAL A 205 -1.38 -12.67 -16.51
C VAL A 205 -2.83 -13.06 -16.25
N SER A 206 -3.24 -13.04 -14.99
CA SER A 206 -4.59 -13.44 -14.60
C SER A 206 -5.45 -12.27 -14.14
N VAL A 207 -6.71 -12.28 -14.59
CA VAL A 207 -7.77 -11.45 -14.08
C VAL A 207 -8.68 -12.36 -13.23
N GLY A 208 -8.74 -12.08 -11.93
CA GLY A 208 -9.53 -12.88 -10.99
C GLY A 208 -8.96 -14.25 -10.74
N SER A 210 -8.61 -16.71 -12.96
CA SER A 210 -8.43 -17.41 -14.23
C SER A 210 -7.46 -16.70 -15.18
N THR A 211 -6.46 -17.45 -15.67
CA THR A 211 -5.48 -16.96 -16.66
C THR A 211 -6.17 -16.71 -18.01
N LEU A 212 -6.00 -15.51 -18.54
CA LEU A 212 -6.54 -15.17 -19.86
C LEU A 212 -5.56 -14.38 -20.74
N LEU A 213 -4.35 -14.17 -20.23
CA LEU A 213 -3.26 -13.53 -20.99
C LEU A 213 -1.91 -14.16 -20.69
N CYS A 214 -0.99 -14.05 -21.64
CA CYS A 214 0.39 -14.56 -21.54
C CYS A 214 0.42 -16.08 -21.27
N GLU A 215 -0.41 -16.81 -22.02
CA GLU A 215 -0.61 -18.25 -21.80
C GLU A 215 0.58 -19.08 -22.27
N ASP A 216 1.09 -18.76 -23.46
CA ASP A 216 2.25 -19.44 -24.05
C ASP A 216 3.57 -18.78 -23.64
N GLY A 217 3.51 -17.97 -22.59
CA GLY A 217 4.67 -17.25 -22.08
C GLY A 217 4.90 -15.94 -22.79
N CYS A 218 5.37 -14.95 -22.03
CA CYS A 218 5.73 -13.64 -22.57
C CYS A 218 6.87 -13.06 -21.73
N LEU A 219 7.24 -11.82 -22.04
CA LEU A 219 8.37 -11.16 -21.37
C LEU A 219 7.91 -10.10 -20.39
N ALA A 220 8.65 -9.96 -19.29
CA ALA A 220 8.42 -8.90 -18.33
C ALA A 220 9.69 -8.13 -17.97
N LEU A 221 9.76 -6.89 -18.45
CA LEU A 221 10.81 -5.95 -18.08
C LEU A 221 10.49 -5.32 -16.74
N VAL A 222 11.44 -5.37 -15.81
CA VAL A 222 11.27 -4.75 -14.50
C VAL A 222 11.89 -3.37 -14.59
N ASP A 223 11.01 -2.37 -14.61
CA ASP A 223 11.32 -1.01 -15.06
C ASP A 223 10.98 0.04 -13.98
N THR A 224 11.97 0.32 -13.14
CA THR A 224 11.83 1.28 -12.04
C THR A 224 11.56 2.70 -12.52
N GLY A 225 11.83 2.93 -13.81
CA GLY A 225 11.66 4.25 -14.43
C GLY A 225 10.28 4.47 -15.01
N ALA A 226 9.44 3.44 -14.97
CA ALA A 226 8.07 3.50 -15.47
C ALA A 226 7.08 3.69 -14.32
N SER A 227 6.02 4.45 -14.60
CA SER A 227 4.95 4.70 -13.64
C SER A 227 4.09 3.47 -13.39
N TYR A 228 3.82 2.74 -14.48
CA TYR A 228 2.72 1.80 -14.52
C TYR A 228 3.18 0.39 -14.83
N ILE A 229 2.24 -0.55 -14.72
CA ILE A 229 2.35 -1.82 -15.40
C ILE A 229 1.90 -1.57 -16.84
N SER A 230 2.74 -1.96 -17.78
CA SER A 230 2.38 -1.86 -19.18
C SER A 230 2.49 -3.20 -19.86
N GLY A 231 1.67 -3.38 -20.89
CA GLY A 231 1.77 -4.51 -21.81
C GLY A 231 1.66 -3.98 -23.24
N SER A 232 1.54 -4.90 -24.19
CA SER A 232 1.31 -4.54 -25.59
C SER A 232 -0.13 -4.03 -25.76
N THR A 233 -0.36 -3.25 -26.82
CA THR A 233 -1.69 -2.68 -27.12
C THR A 233 -2.79 -3.75 -27.12
N SER A 234 -2.54 -4.88 -27.79
CA SER A 234 -3.47 -6.01 -27.81
C SER A 234 -3.59 -6.74 -26.47
N SER A 235 -2.47 -6.80 -25.72
CA SER A 235 -2.47 -7.38 -24.37
C SER A 235 -3.35 -6.55 -23.44
N ILE A 236 -3.17 -5.23 -23.51
CA ILE A 236 -3.89 -4.30 -22.65
C ILE A 236 -5.37 -4.24 -23.00
N GLU A 237 -5.68 -4.11 -24.30
CA GLU A 237 -7.07 -4.10 -24.77
C GLU A 237 -7.90 -5.31 -24.31
N LYS A 238 -7.25 -6.48 -24.20
CA LYS A 238 -7.92 -7.70 -23.71
C LYS A 238 -8.04 -7.71 -22.18
N LEU A 239 -7.02 -7.18 -21.51
CA LEU A 239 -7.00 -7.03 -20.04
C LEU A 239 -8.07 -6.04 -19.59
N MET A 240 -8.25 -4.98 -20.38
CA MET A 240 -9.20 -3.91 -20.06
C MET A 240 -10.64 -4.26 -20.35
N GLU A 241 -10.88 -4.97 -21.46
CA GLU A 241 -12.20 -5.52 -21.78
C GLU A 241 -12.70 -6.39 -20.64
N ALA A 242 -11.79 -7.22 -20.11
CA ALA A 242 -12.04 -8.05 -18.93
C ALA A 242 -12.43 -7.21 -17.70
N LEU A 243 -11.79 -6.06 -17.52
CA LEU A 243 -12.04 -5.19 -16.36
C LEU A 243 -13.26 -4.25 -16.52
N GLY A 244 -13.78 -4.14 -17.74
CA GLY A 244 -14.85 -3.19 -18.04
C GLY A 244 -14.39 -1.74 -18.05
N ALA A 245 -13.10 -1.54 -18.34
CA ALA A 245 -12.51 -0.21 -18.38
C ALA A 245 -12.62 0.41 -19.77
N LYS A 246 -13.10 1.65 -19.83
CA LYS A 246 -13.18 2.40 -21.08
C LYS A 246 -11.81 2.99 -21.44
N LYS A 247 -11.46 2.90 -22.72
CA LYS A 247 -10.19 3.43 -23.24
C LYS A 247 -10.27 4.93 -23.39
N ARG A 248 -9.22 5.62 -23.00
CA ARG A 248 -9.10 7.06 -23.26
C ARG A 248 -7.84 7.34 -24.08
N LEU A 249 -7.49 8.62 -24.20
CA LEU A 249 -6.38 9.05 -25.03
C LEU A 249 -5.03 8.55 -24.52
N PHE A 250 -4.78 8.68 -23.22
CA PHE A 250 -3.49 8.33 -22.64
C PHE A 250 -3.55 7.32 -21.48
N ASP A 251 -4.77 7.01 -21.04
CA ASP A 251 -4.98 6.09 -19.93
C ASP A 251 -6.24 5.24 -20.13
N TYR A 252 -6.47 4.33 -19.19
CA TYR A 252 -7.72 3.61 -19.06
C TYR A 252 -8.40 4.02 -17.77
N VAL A 253 -9.73 4.00 -17.78
CA VAL A 253 -10.53 4.47 -16.64
C VAL A 253 -11.71 3.54 -16.38
N VAL A 254 -12.08 3.42 -15.11
CA VAL A 254 -13.41 2.93 -14.73
C VAL A 254 -14.14 4.08 -14.05
N LYS A 255 -15.47 3.95 -13.94
CA LYS A 255 -16.26 4.83 -13.08
C LYS A 255 -15.81 4.54 -11.65
N CYS A 256 -15.51 5.61 -10.91
CA CYS A 256 -14.84 5.51 -9.59
C CYS A 256 -15.45 4.54 -8.60
N ASN A 257 -16.78 4.48 -8.59
CA ASN A 257 -17.54 3.54 -7.78
C ASN A 257 -17.25 2.05 -8.07
N GLU A 258 -16.91 1.75 -9.33
CA GLU A 258 -16.62 0.38 -9.76
C GLU A 258 -15.24 -0.08 -9.30
N GLY A 259 -14.39 0.88 -8.95
CA GLY A 259 -13.00 0.64 -8.52
C GLY A 259 -12.73 -0.44 -7.49
N PRO A 260 -13.32 -0.33 -6.27
CA PRO A 260 -13.08 -1.38 -5.26
C PRO A 260 -13.58 -2.78 -5.64
N THR A 261 -14.58 -2.83 -6.53
CA THR A 261 -15.17 -4.10 -7.02
C THR A 261 -14.34 -4.76 -8.15
N LEU A 262 -13.29 -4.08 -8.61
CA LEU A 262 -12.42 -4.63 -9.66
C LEU A 262 -11.63 -5.85 -9.17
N PRO A 263 -11.52 -6.90 -10.01
CA PRO A 263 -10.84 -8.13 -9.59
C PRO A 263 -9.33 -7.97 -9.42
N ASP A 264 -8.71 -8.94 -8.78
CA ASP A 264 -7.26 -8.98 -8.62
C ASP A 264 -6.59 -9.36 -9.93
N ILE A 265 -5.47 -8.69 -10.22
CA ILE A 265 -4.64 -9.01 -11.37
C ILE A 265 -3.34 -9.67 -10.89
N SER A 266 -3.05 -10.84 -11.46
CA SER A 266 -1.89 -11.63 -11.06
C SER A 266 -0.87 -11.82 -12.18
N PHE A 267 0.41 -11.77 -11.81
CA PHE A 267 1.51 -11.96 -12.74
C PHE A 267 2.32 -13.19 -12.31
N HIS A 268 2.33 -14.20 -13.17
CA HIS A 268 3.01 -15.47 -12.89
C HIS A 268 4.50 -15.34 -13.22
N LEU A 269 5.28 -15.14 -12.17
CA LEU A 269 6.71 -14.86 -12.30
C LEU A 269 7.53 -15.81 -11.47
N GLY A 270 8.42 -16.54 -12.14
CA GLY A 270 9.29 -17.54 -11.52
C GLY A 270 8.55 -18.57 -10.69
N GLY A 271 7.39 -19.01 -11.18
CA GLY A 271 6.57 -20.02 -10.52
C GLY A 271 5.64 -19.53 -9.42
N LYS A 272 5.78 -18.26 -9.04
CA LYS A 272 4.91 -17.61 -8.05
C LYS A 272 3.91 -16.65 -8.68
N GLU A 273 2.77 -16.50 -8.02
CA GLU A 273 1.70 -15.64 -8.50
C GLU A 273 1.76 -14.30 -7.75
N TYR A 274 2.22 -13.26 -8.44
CA TYR A 274 2.34 -11.90 -7.90
C TYR A 274 1.07 -11.10 -8.14
N THR A 275 0.30 -10.94 -7.07
CA THR A 275 -1.08 -10.47 -7.15
C THR A 275 -1.19 -9.00 -6.74
N LEU A 276 -1.89 -8.23 -7.56
CA LEU A 276 -2.27 -6.87 -7.22
C LEU A 276 -3.79 -6.79 -7.05
N THR A 277 -4.23 -6.24 -5.94
CA THR A 277 -5.63 -5.91 -5.72
C THR A 277 -5.95 -4.60 -6.44
N SER A 278 -7.24 -4.30 -6.61
CA SER A 278 -7.69 -3.02 -7.16
C SER A 278 -7.04 -1.82 -6.45
N ALA A 279 -6.90 -1.91 -5.13
CA ALA A 279 -6.22 -0.91 -4.31
C ALA A 279 -4.78 -0.64 -4.75
N ASP A 280 -4.12 -1.67 -5.29
CA ASP A 280 -2.78 -1.56 -5.83
C ASP A 280 -2.72 -0.90 -7.21
N TYR A 281 -3.83 -0.89 -7.96
CA TYR A 281 -3.78 -0.39 -9.35
C TYR A 281 -4.82 0.67 -9.78
N VAL A 282 -5.83 0.91 -8.94
CA VAL A 282 -6.80 1.99 -9.15
C VAL A 282 -6.33 3.22 -8.38
N PHE A 283 -6.30 4.37 -9.06
CA PHE A 283 -6.20 5.65 -8.39
C PHE A 283 -7.61 6.03 -7.91
N GLN A 284 -7.97 5.56 -6.71
CA GLN A 284 -9.24 5.90 -6.06
C GLN A 284 -9.31 7.36 -5.62
N GLU A 285 -9.48 8.26 -6.58
CA GLU A 285 -9.55 9.69 -6.30
C GLU A 285 -10.96 10.11 -5.85
N SER A 286 -11.90 9.16 -5.92
CA SER A 286 -13.32 9.36 -5.61
C SER A 286 -14.04 8.02 -5.50
N TYR A 287 -15.31 8.04 -5.04
CA TYR A 287 -16.20 6.87 -5.04
C TYR A 287 -17.47 7.14 -5.84
N SER A 288 -17.51 8.28 -6.51
CA SER A 288 -18.65 8.76 -7.30
C SER A 288 -18.91 7.90 -8.53
N SER A 289 -20.19 7.79 -8.92
CA SER A 289 -20.56 7.22 -10.20
C SER A 289 -20.38 8.23 -11.34
N LYS A 290 -20.40 9.52 -10.98
CA LYS A 290 -20.24 10.64 -11.92
C LYS A 290 -18.77 10.95 -12.27
N LYS A 291 -17.85 10.26 -11.61
CA LYS A 291 -16.41 10.55 -11.68
C LYS A 291 -15.62 9.36 -12.26
N LEU A 292 -14.64 9.66 -13.10
CA LEU A 292 -13.79 8.63 -13.71
C LEU A 292 -12.45 8.50 -12.97
N CYS A 293 -12.11 7.26 -12.63
CA CYS A 293 -10.87 6.95 -11.93
C CYS A 293 -9.90 6.26 -12.85
N THR A 294 -8.66 6.75 -12.87
CA THR A 294 -7.64 6.23 -13.78
C THR A 294 -6.95 4.99 -13.22
N LEU A 295 -6.63 4.06 -14.11
CA LEU A 295 -5.93 2.82 -13.74
C LEU A 295 -4.42 2.92 -13.97
N ALA A 296 -3.64 2.28 -13.10
CA ALA A 296 -2.18 2.34 -13.14
C ALA A 296 -1.55 1.28 -14.07
N ILE A 297 -2.28 1.01 -15.15
CA ILE A 297 -1.92 0.06 -16.19
C ILE A 297 -2.26 0.74 -17.52
N HIS A 298 -1.28 0.81 -18.42
CA HIS A 298 -1.51 1.36 -19.76
C HIS A 298 -0.87 0.54 -20.89
N ALA A 299 -1.25 0.84 -22.12
CA ALA A 299 -0.61 0.26 -23.30
C ALA A 299 0.74 0.95 -23.53
N MET A 300 1.78 0.14 -23.75
CA MET A 300 3.11 0.65 -24.11
C MET A 300 3.79 -0.39 -25.00
N ASP A 301 3.87 -0.09 -26.28
CA ASP A 301 4.49 -0.99 -27.25
C ASP A 301 5.98 -0.71 -27.41
N ILE A 302 6.77 -1.59 -26.80
CA ILE A 302 8.23 -1.51 -26.85
C ILE A 302 8.71 -2.39 -28.02
N PRO A 303 9.55 -1.83 -28.93
CA PRO A 303 10.01 -2.54 -30.13
C PRO A 303 11.06 -3.63 -29.85
N PRO A 304 11.34 -4.51 -30.83
CA PRO A 304 12.54 -5.39 -30.80
C PRO A 304 13.86 -4.59 -30.61
N PRO A 305 14.90 -5.19 -29.99
CA PRO A 305 14.89 -6.58 -29.52
C PRO A 305 14.30 -6.81 -28.11
N THR A 306 14.17 -5.72 -27.32
CA THR A 306 13.58 -5.78 -25.97
C THR A 306 12.14 -6.32 -26.03
N GLY A 307 11.36 -5.81 -26.99
CA GLY A 307 9.94 -6.11 -27.08
C GLY A 307 9.50 -7.05 -28.19
N PRO A 308 8.19 -7.29 -28.31
CA PRO A 308 7.17 -6.76 -27.39
C PRO A 308 7.28 -7.37 -25.99
N THR A 309 6.94 -6.59 -24.97
CA THR A 309 7.12 -7.00 -23.57
C THR A 309 6.20 -6.25 -22.60
N TRP A 310 5.90 -6.91 -21.49
CA TRP A 310 5.29 -6.24 -20.36
C TRP A 310 6.38 -5.49 -19.61
N ALA A 311 5.98 -4.42 -18.93
CA ALA A 311 6.89 -3.68 -18.07
C ALA A 311 6.28 -3.50 -16.70
N LEU A 312 7.00 -3.97 -15.68
CA LEU A 312 6.54 -3.85 -14.31
C LEU A 312 7.16 -2.60 -13.68
N GLY A 313 6.38 -1.53 -13.69
CA GLY A 313 6.83 -0.22 -13.20
C GLY A 313 6.44 0.03 -11.76
N ALA A 314 6.30 1.32 -11.41
CA ALA A 314 6.06 1.74 -10.03
C ALA A 314 4.82 1.14 -9.36
N THR A 315 3.76 0.88 -10.14
CA THR A 315 2.59 0.13 -9.65
C THR A 315 3.02 -1.19 -9.01
N PHE A 316 3.92 -1.92 -9.68
CA PHE A 316 4.42 -3.22 -9.20
C PHE A 316 5.44 -3.09 -8.07
N ILE A 317 6.42 -2.20 -8.23
CA ILE A 317 7.49 -2.02 -7.24
C ILE A 317 6.98 -1.55 -5.88
N ARG A 318 5.96 -0.70 -5.89
CA ARG A 318 5.26 -0.28 -4.66
C ARG A 318 4.90 -1.44 -3.75
N LYS A 319 4.32 -2.49 -4.32
CA LYS A 319 3.96 -3.68 -3.57
C LYS A 319 5.15 -4.60 -3.35
N PHE A 320 6.05 -4.63 -4.33
CA PHE A 320 7.19 -5.56 -4.28
C PHE A 320 8.56 -4.87 -4.31
N TYR A 321 9.17 -4.82 -3.13
CA TYR A 321 10.55 -4.37 -2.96
C TYR A 321 11.43 -5.21 -3.90
N THR A 322 12.26 -4.52 -4.68
CA THR A 322 12.97 -5.15 -5.77
C THR A 322 14.49 -5.05 -5.65
N GLU A 323 15.14 -6.20 -5.62
CA GLU A 323 16.59 -6.27 -5.62
C GLU A 323 17.07 -6.66 -7.01
N PHE A 324 17.99 -5.87 -7.54
CA PHE A 324 18.61 -6.13 -8.83
C PHE A 324 20.00 -6.68 -8.58
N ASP A 325 20.19 -7.92 -8.98
CA ASP A 325 21.42 -8.65 -8.67
C ASP A 325 22.25 -8.81 -9.94
N ARG A 326 23.33 -8.04 -10.01
CA ARG A 326 24.20 -8.04 -11.18
C ARG A 326 25.25 -9.14 -11.16
N ARG A 327 25.58 -9.66 -9.97
CA ARG A 327 26.56 -10.75 -9.87
C ARG A 327 25.96 -12.07 -10.33
N ASN A 328 24.67 -12.25 -10.12
CA ASN A 328 23.98 -13.51 -10.46
C ASN A 328 22.97 -13.38 -11.60
N ASN A 329 22.88 -12.19 -12.19
CA ASN A 329 21.90 -11.86 -13.25
C ASN A 329 20.48 -12.33 -12.92
N ARG A 330 19.94 -11.78 -11.84
CA ARG A 330 18.63 -12.14 -11.33
C ARG A 330 17.97 -10.96 -10.65
N ILE A 331 16.66 -11.03 -10.51
CA ILE A 331 15.88 -10.03 -9.78
C ILE A 331 15.22 -10.72 -8.58
N GLY A 332 15.33 -10.08 -7.41
CA GLY A 332 14.61 -10.52 -6.22
C GLY A 332 13.40 -9.65 -5.93
N PHE A 333 12.28 -10.30 -5.61
CA PHE A 333 11.10 -9.59 -5.12
C PHE A 333 10.75 -10.03 -3.71
N ALA A 334 10.64 -9.06 -2.81
CA ALA A 334 10.07 -9.27 -1.47
C ALA A 334 8.95 -8.25 -1.27
N LEU A 335 8.01 -8.56 -0.36
CA LEU A 335 6.94 -7.64 0.01
C LEU A 335 7.49 -6.38 0.66
N ALA A 336 7.15 -5.23 0.10
CA ALA A 336 7.56 -3.95 0.67
C ALA A 336 6.77 -3.63 1.94
N ARG A 337 7.38 -2.80 2.80
CA ARG A 337 6.72 -2.27 4.02
C ARG A 337 7.30 -0.94 4.50
N GLY B 1 12.96 -14.27 19.16
CA GLY B 1 11.93 -13.27 18.78
C GLY B 1 12.54 -11.99 18.24
N ASN B 2 12.82 -11.97 16.94
CA ASN B 2 13.54 -10.87 16.29
C ASN B 2 12.72 -10.06 15.27
N THR B 3 11.60 -10.62 14.80
CA THR B 3 10.90 -10.07 13.65
C THR B 3 9.57 -9.38 13.94
N THR B 4 9.28 -8.34 13.16
CA THR B 4 7.94 -7.76 13.06
C THR B 4 7.40 -8.03 11.64
N SER B 5 6.09 -7.93 11.48
CA SER B 5 5.47 -8.00 10.16
C SER B 5 4.35 -6.97 10.05
N SER B 6 4.24 -6.36 8.89
CA SER B 6 3.21 -5.36 8.65
C SER B 6 2.37 -5.67 7.41
N VAL B 7 1.08 -5.37 7.50
CA VAL B 7 0.18 -5.49 6.37
C VAL B 7 -0.37 -4.10 6.09
N ILE B 8 -0.19 -3.62 4.86
CA ILE B 8 -0.76 -2.36 4.43
C ILE B 8 -2.29 -2.54 4.27
N LEU B 9 -3.05 -1.54 4.70
CA LEU B 9 -4.50 -1.62 4.71
C LEU B 9 -5.14 -0.62 3.75
N THR B 10 -6.21 -1.07 3.10
CA THR B 10 -7.04 -0.21 2.28
C THR B 10 -8.08 0.45 3.18
N ASN B 11 -8.30 1.74 2.95
CA ASN B 11 -9.35 2.48 3.62
C ASN B 11 -10.52 2.67 2.68
N TYR B 12 -11.58 1.90 2.91
CA TYR B 12 -12.83 2.10 2.16
C TYR B 12 -13.78 3.02 2.92
N MET B 13 -13.90 4.25 2.43
CA MET B 13 -14.89 5.24 2.87
C MET B 13 -14.86 5.62 4.35
N ASP B 14 -13.70 5.45 4.99
CA ASP B 14 -13.53 5.59 6.45
C ASP B 14 -14.38 4.61 7.29
N THR B 15 -15.03 3.66 6.63
CA THR B 15 -15.89 2.68 7.31
C THR B 15 -15.35 1.25 7.31
N GLN B 16 -14.60 0.89 6.27
CA GLN B 16 -13.98 -0.44 6.17
C GLN B 16 -12.47 -0.36 6.00
N TYR B 17 -11.76 -1.08 6.85
CA TYR B 17 -10.31 -1.20 6.79
C TYR B 17 -9.94 -2.65 6.68
N TYR B 18 -9.07 -2.96 5.72
CA TYR B 18 -8.74 -4.34 5.38
C TYR B 18 -7.41 -4.44 4.64
N GLY B 19 -6.69 -5.54 4.89
CA GLY B 19 -5.43 -5.82 4.23
C GLY B 19 -5.42 -7.22 3.65
N GLU B 20 -4.27 -7.64 3.17
CA GLU B 20 -4.12 -8.94 2.50
C GLU B 20 -3.54 -10.03 3.37
N ILE B 21 -4.11 -11.22 3.26
CA ILE B 21 -3.50 -12.44 3.75
C ILE B 21 -3.46 -13.48 2.63
N GLY B 22 -2.49 -14.39 2.71
CA GLY B 22 -2.47 -15.58 1.86
C GLY B 22 -3.00 -16.77 2.65
N ILE B 23 -3.72 -17.65 1.96
CA ILE B 23 -4.11 -18.96 2.52
C ILE B 23 -3.80 -20.02 1.48
N GLY B 24 -2.99 -21.00 1.89
CA GLY B 24 -2.65 -22.13 1.03
C GLY B 24 -1.23 -22.12 0.48
N THR B 25 -0.89 -23.21 -0.20
CA THR B 25 0.36 -23.36 -0.93
C THR B 25 -0.01 -23.85 -2.34
N PRO B 26 0.09 -23.00 -3.37
CA PRO B 26 0.55 -21.60 -3.27
C PRO B 26 -0.48 -20.66 -2.60
N PRO B 27 -0.04 -19.47 -2.11
CA PRO B 27 -0.98 -18.58 -1.41
C PRO B 27 -2.13 -18.08 -2.30
N GLN B 28 -3.34 -18.12 -1.75
CA GLN B 28 -4.51 -17.48 -2.33
C GLN B 28 -4.78 -16.22 -1.53
N THR B 29 -4.84 -15.09 -2.23
CA THR B 29 -4.93 -13.75 -1.64
C THR B 29 -6.37 -13.39 -1.26
N PHE B 30 -6.55 -12.90 -0.04
CA PHE B 30 -7.85 -12.40 0.43
C PHE B 30 -7.74 -11.03 1.08
N LYS B 31 -8.76 -10.20 0.86
CA LYS B 31 -8.91 -8.94 1.58
C LYS B 31 -9.61 -9.22 2.92
N VAL B 32 -8.95 -8.88 4.03
CA VAL B 32 -9.48 -9.22 5.36
C VAL B 32 -9.45 -8.07 6.36
N VAL B 33 -10.52 -7.95 7.14
CA VAL B 33 -10.55 -7.07 8.30
C VAL B 33 -9.83 -7.75 9.45
N PHE B 34 -8.78 -7.11 9.93
CA PHE B 34 -8.11 -7.52 11.14
C PHE B 34 -8.90 -6.96 12.33
N ASP B 35 -9.55 -7.86 13.07
CA ASP B 35 -10.65 -7.50 13.95
C ASP B 35 -10.44 -7.91 15.40
N THR B 36 -10.23 -6.92 16.27
CA THR B 36 -9.99 -7.16 17.69
C THR B 36 -11.26 -7.53 18.46
N GLY B 37 -12.41 -7.35 17.81
CA GLY B 37 -13.72 -7.67 18.38
C GLY B 37 -14.15 -9.13 18.26
N SER B 38 -13.46 -9.90 17.41
CA SER B 38 -13.69 -11.35 17.29
C SER B 38 -12.35 -12.10 17.28
N SER B 39 -12.40 -13.43 17.20
CA SER B 39 -11.22 -14.26 17.39
C SER B 39 -11.01 -15.34 16.35
N ASN B 40 -11.98 -15.51 15.44
CA ASN B 40 -11.89 -16.49 14.37
C ASN B 40 -11.37 -15.88 13.09
N VAL B 41 -10.65 -16.70 12.30
CA VAL B 41 -10.31 -16.36 10.92
C VAL B 41 -11.33 -17.02 10.02
N TRP B 42 -11.90 -16.26 9.08
CA TRP B 42 -12.77 -16.81 8.03
C TRP B 42 -12.65 -16.09 6.69
N VAL B 43 -12.80 -16.85 5.62
CA VAL B 43 -12.90 -16.34 4.25
C VAL B 43 -14.08 -17.01 3.54
N PRO B 44 -14.59 -16.41 2.44
CA PRO B 44 -15.60 -17.12 1.64
C PRO B 44 -15.00 -18.33 0.91
N SER B 45 -15.80 -19.38 0.79
CA SER B 45 -15.37 -20.66 0.20
C SER B 45 -15.75 -20.78 -1.27
N SER B 46 -15.00 -21.59 -2.01
CA SER B 46 -15.34 -21.96 -3.39
C SER B 46 -16.60 -22.83 -3.44
N LYS B 47 -16.89 -23.49 -2.31
CA LYS B 47 -18.11 -24.28 -2.15
C LYS B 47 -19.34 -23.46 -1.72
N CYS B 48 -19.18 -22.13 -1.63
CA CYS B 48 -20.31 -21.22 -1.46
C CYS B 48 -21.13 -21.16 -2.75
N SER B 49 -22.45 -21.16 -2.59
CA SER B 49 -23.42 -21.04 -3.68
C SER B 49 -23.10 -19.86 -4.60
N ARG B 50 -23.12 -20.13 -5.92
CA ARG B 50 -22.95 -19.10 -6.95
C ARG B 50 -24.14 -18.14 -6.97
N LEU B 51 -25.30 -18.64 -6.56
CA LEU B 51 -26.54 -17.85 -6.49
C LEU B 51 -26.55 -16.85 -5.32
N TYR B 52 -25.55 -16.96 -4.43
CA TYR B 52 -25.25 -15.91 -3.45
C TYR B 52 -24.43 -14.82 -4.12
N THR B 53 -25.04 -13.63 -4.24
CA THR B 53 -24.44 -12.48 -4.93
C THR B 53 -23.09 -12.06 -4.32
N ALA B 54 -22.94 -12.24 -3.01
CA ALA B 54 -21.68 -11.98 -2.30
C ALA B 54 -20.54 -12.90 -2.76
N CYS B 55 -20.87 -14.13 -3.13
CA CYS B 55 -19.89 -15.14 -3.52
C CYS B 55 -19.42 -15.03 -4.98
N VAL B 56 -20.09 -14.17 -5.75
CA VAL B 56 -19.65 -13.82 -7.11
C VAL B 56 -18.66 -12.64 -7.06
N TYR B 57 -19.01 -11.57 -6.35
CA TYR B 57 -18.15 -10.38 -6.25
C TYR B 57 -17.17 -10.39 -5.06
N HIS B 58 -16.78 -11.59 -4.64
CA HIS B 58 -15.71 -11.80 -3.65
C HIS B 58 -14.79 -12.94 -4.06
N LYS B 59 -13.53 -12.85 -3.64
CA LYS B 59 -12.56 -13.91 -3.85
C LYS B 59 -12.85 -15.10 -2.94
N LEU B 60 -12.87 -16.30 -3.54
CA LEU B 60 -13.22 -17.53 -2.82
C LEU B 60 -12.00 -18.43 -2.63
N PHE B 61 -12.03 -19.22 -1.56
CA PHE B 61 -10.98 -20.19 -1.26
C PHE B 61 -11.29 -21.55 -1.85
N ASP B 62 -10.44 -21.97 -2.79
CA ASP B 62 -10.50 -23.31 -3.34
C ASP B 62 -9.51 -24.20 -2.59
N ALA B 63 -10.05 -25.12 -1.79
CA ALA B 63 -9.25 -26.05 -0.98
C ALA B 63 -8.41 -27.01 -1.81
N SER B 64 -8.93 -27.41 -2.97
CA SER B 64 -8.24 -28.35 -3.88
C SER B 64 -6.93 -27.80 -4.45
N ASP B 65 -6.87 -26.48 -4.66
CA ASP B 65 -5.69 -25.81 -5.21
C ASP B 65 -4.52 -25.70 -4.24
N SER B 66 -4.76 -25.98 -2.95
CA SER B 66 -3.72 -25.89 -1.93
C SER B 66 -3.19 -27.24 -1.48
N SER B 67 -1.90 -27.47 -1.72
CA SER B 67 -1.22 -28.71 -1.33
C SER B 67 -1.14 -28.92 0.20
N SER B 68 -1.05 -27.81 0.94
CA SER B 68 -0.93 -27.85 2.41
C SER B 68 -2.26 -27.70 3.17
N TYR B 69 -3.38 -27.83 2.45
CA TYR B 69 -4.71 -27.87 3.06
C TYR B 69 -4.93 -29.20 3.80
N LYS B 70 -5.52 -29.10 4.99
CA LYS B 70 -6.00 -30.26 5.74
C LYS B 70 -7.50 -30.07 6.07
N HIS B 71 -8.27 -31.11 5.78
CA HIS B 71 -9.72 -31.15 5.99
C HIS B 71 -10.07 -31.15 7.48
N ASN B 72 -11.18 -30.50 7.83
CA ASN B 72 -11.81 -30.69 9.13
C ASN B 72 -13.32 -30.85 9.00
N GLY B 73 -14.00 -29.80 8.51
CA GLY B 73 -15.43 -29.88 8.16
C GLY B 73 -16.47 -29.55 9.22
N THR B 74 -16.01 -29.28 10.44
CA THR B 74 -16.86 -28.91 11.57
C THR B 74 -17.59 -27.60 11.29
N GLU B 75 -18.92 -27.61 11.40
CA GLU B 75 -19.78 -26.47 11.09
C GLU B 75 -19.71 -25.37 12.16
N LEU B 76 -19.23 -24.20 11.74
CA LEU B 76 -19.17 -23.02 12.59
C LEU B 76 -20.17 -21.97 12.11
N THR B 77 -20.88 -21.36 13.07
CA THR B 77 -21.76 -20.22 12.82
C THR B 77 -21.18 -19.00 13.54
N LEU B 78 -21.00 -17.92 12.79
CA LEU B 78 -20.47 -16.66 13.34
C LEU B 78 -21.57 -15.59 13.31
N ARG B 79 -22.00 -15.18 14.51
CA ARG B 79 -23.13 -14.26 14.66
C ARG B 79 -22.69 -12.89 15.17
N THR B 84 -24.97 -12.06 10.52
CA THR B 84 -24.78 -13.50 10.74
C THR B 84 -24.18 -14.22 9.52
N VAL B 85 -23.37 -15.25 9.79
CA VAL B 85 -22.66 -16.02 8.74
C VAL B 85 -22.42 -17.48 9.15
N SER B 86 -22.36 -18.36 8.15
CA SER B 86 -22.18 -19.81 8.36
C SER B 86 -21.18 -20.45 7.39
N GLY B 87 -20.47 -21.47 7.87
CA GLY B 87 -19.49 -22.21 7.08
C GLY B 87 -19.03 -23.51 7.72
N PHE B 88 -17.77 -23.87 7.46
CA PHE B 88 -17.12 -25.05 8.05
C PHE B 88 -15.64 -24.82 8.31
N LEU B 89 -15.02 -25.68 9.12
CA LEU B 89 -13.64 -25.48 9.58
C LEU B 89 -12.60 -26.16 8.70
N SER B 90 -11.55 -25.39 8.38
CA SER B 90 -10.43 -25.83 7.55
C SER B 90 -9.09 -25.40 8.14
N GLN B 91 -8.04 -26.15 7.82
CA GLN B 91 -6.68 -25.82 8.25
C GLN B 91 -5.71 -25.71 7.08
N ASP B 92 -4.94 -24.62 7.05
CA ASP B 92 -3.92 -24.37 6.03
C ASP B 92 -2.81 -23.46 6.55
N ILE B 93 -1.78 -23.24 5.72
CA ILE B 93 -0.76 -22.22 5.99
C ILE B 93 -1.30 -20.84 5.59
N ILE B 94 -1.24 -19.89 6.53
CA ILE B 94 -1.71 -18.53 6.31
C ILE B 94 -0.55 -17.53 6.36
N THR B 95 -0.39 -16.78 5.27
CA THR B 95 0.68 -15.78 5.12
C THR B 95 0.17 -14.39 5.52
N VAL B 96 0.73 -13.85 6.60
CA VAL B 96 0.42 -12.50 7.07
C VAL B 96 1.74 -11.71 7.04
N GLY B 97 1.91 -10.92 5.98
CA GLY B 97 3.16 -10.24 5.71
C GLY B 97 4.30 -11.23 5.53
N GLY B 98 5.35 -11.09 6.35
CA GLY B 98 6.50 -11.99 6.29
C GLY B 98 6.39 -13.24 7.15
N ILE B 99 5.19 -13.49 7.67
CA ILE B 99 4.94 -14.57 8.63
C ILE B 99 3.95 -15.58 8.07
N THR B 100 4.36 -16.84 8.10
CA THR B 100 3.50 -17.97 7.74
C THR B 100 3.13 -18.73 9.02
N VAL B 101 1.88 -19.21 9.07
CA VAL B 101 1.37 -19.90 10.25
C VAL B 101 0.33 -20.96 9.87
N THR B 102 0.49 -22.16 10.42
CA THR B 102 -0.52 -23.22 10.30
C THR B 102 -1.71 -22.83 11.20
N GLN B 103 -2.87 -22.70 10.57
CA GLN B 103 -4.02 -22.03 11.19
C GLN B 103 -5.34 -22.66 10.79
N MET B 104 -6.19 -22.90 11.77
CA MET B 104 -7.57 -23.28 11.54
C MET B 104 -8.40 -22.03 11.28
N PHE B 105 -9.21 -22.09 10.23
CA PHE B 105 -10.07 -20.98 9.82
C PHE B 105 -11.41 -21.51 9.32
N GLY B 106 -12.36 -20.59 9.10
CA GLY B 106 -13.67 -20.95 8.57
C GLY B 106 -13.77 -20.76 7.07
N GLU B 107 -14.44 -21.70 6.42
CA GLU B 107 -14.77 -21.62 5.00
C GLU B 107 -16.26 -21.34 4.86
N VAL B 108 -16.60 -20.07 4.69
CA VAL B 108 -17.98 -19.62 4.64
C VAL B 108 -18.67 -20.03 3.34
N THR B 109 -19.76 -20.77 3.50
CA THR B 109 -20.56 -21.30 2.39
C THR B 109 -21.91 -20.56 2.28
N GLU B 110 -22.28 -19.86 3.34
CA GLU B 110 -23.53 -19.10 3.41
C GLU B 110 -23.16 -17.64 3.64
N MET B 111 -23.31 -16.82 2.60
CA MET B 111 -22.88 -15.42 2.61
C MET B 111 -23.97 -14.50 2.02
N PRO B 112 -24.94 -14.05 2.85
CA PRO B 112 -26.09 -13.32 2.32
C PRO B 112 -25.75 -11.88 1.90
N ALA B 113 -26.49 -11.37 0.90
CA ALA B 113 -26.33 -10.00 0.37
C ALA B 113 -26.51 -8.93 1.45
N LEU B 114 -27.44 -9.14 2.37
CA LEU B 114 -27.49 -8.39 3.61
C LEU B 114 -26.80 -9.28 4.66
N PRO B 115 -25.60 -8.88 5.13
CA PRO B 115 -24.99 -7.59 4.80
C PRO B 115 -23.70 -7.66 3.96
N PHE B 116 -23.35 -8.83 3.45
CA PHE B 116 -22.01 -9.03 2.88
C PHE B 116 -21.76 -8.49 1.46
N MET B 117 -22.82 -7.99 0.81
CA MET B 117 -22.67 -7.21 -0.43
C MET B 117 -22.25 -5.77 -0.16
N LEU B 118 -22.31 -5.37 1.10
CA LEU B 118 -21.73 -4.11 1.56
C LEU B 118 -20.24 -4.26 1.81
N ALA B 119 -19.80 -5.46 2.17
CA ALA B 119 -18.40 -5.74 2.50
C ALA B 119 -17.49 -5.70 1.28
N GLU B 120 -16.54 -4.76 1.29
CA GLU B 120 -15.51 -4.66 0.25
C GLU B 120 -14.39 -5.65 0.52
N PHE B 121 -14.20 -5.96 1.80
CA PHE B 121 -13.34 -7.04 2.24
C PHE B 121 -13.99 -8.39 1.94
N ASP B 122 -13.14 -9.43 1.87
CA ASP B 122 -13.59 -10.82 1.65
C ASP B 122 -14.02 -11.49 2.96
N GLY B 123 -13.15 -11.44 3.98
CA GLY B 123 -13.40 -12.07 5.28
C GLY B 123 -12.75 -11.40 6.48
N VAL B 124 -12.57 -12.18 7.55
CA VAL B 124 -12.13 -11.63 8.84
C VAL B 124 -10.95 -12.42 9.41
N VAL B 125 -9.95 -11.71 9.92
CA VAL B 125 -8.93 -12.28 10.80
C VAL B 125 -9.19 -11.74 12.21
N GLY B 126 -9.70 -12.61 13.07
CA GLY B 126 -9.99 -12.28 14.46
C GLY B 126 -8.71 -12.09 15.25
N MET B 127 -8.63 -10.96 15.93
CA MET B 127 -7.45 -10.56 16.70
C MET B 127 -7.69 -10.62 18.22
N GLY B 128 -8.84 -11.16 18.62
CA GLY B 128 -9.21 -11.31 20.01
C GLY B 128 -8.63 -12.57 20.64
N PHE B 129 -9.11 -12.86 21.84
CA PHE B 129 -8.63 -13.97 22.68
C PHE B 129 -9.40 -15.26 22.38
N ILE B 130 -8.79 -16.41 22.71
CA ILE B 130 -9.44 -17.73 22.56
C ILE B 130 -10.86 -17.80 23.16
N GLU B 131 -11.09 -17.07 24.25
CA GLU B 131 -12.37 -17.08 24.96
C GLU B 131 -13.55 -16.57 24.12
N GLN B 132 -13.26 -15.68 23.18
CA GLN B 132 -14.26 -15.17 22.24
C GLN B 132 -14.37 -16.00 20.95
N ALA B 133 -13.52 -17.01 20.82
CA ALA B 133 -13.48 -17.84 19.61
C ALA B 133 -14.62 -18.86 19.58
N ILE B 134 -15.37 -18.83 18.49
CA ILE B 134 -16.47 -19.75 18.27
C ILE B 134 -15.85 -21.12 17.98
N GLY B 135 -16.28 -22.12 18.74
CA GLY B 135 -15.72 -23.47 18.70
C GLY B 135 -14.37 -23.63 19.37
N ARG B 136 -13.97 -22.63 20.18
CA ARG B 136 -12.68 -22.58 20.89
C ARG B 136 -11.46 -22.90 19.98
N VAL B 137 -11.50 -22.35 18.76
CA VAL B 137 -10.43 -22.50 17.77
C VAL B 137 -9.34 -21.53 18.15
N THR B 138 -8.09 -22.01 18.20
CA THR B 138 -6.93 -21.17 18.53
C THR B 138 -6.82 -20.01 17.53
N PRO B 139 -6.83 -18.76 18.04
CA PRO B 139 -6.74 -17.56 17.19
C PRO B 139 -5.37 -17.44 16.55
N ILE B 140 -5.29 -16.69 15.45
CA ILE B 140 -4.07 -16.56 14.65
C ILE B 140 -2.88 -15.95 15.43
N PHE B 141 -3.13 -14.89 16.19
CA PHE B 141 -2.07 -14.24 16.94
C PHE B 141 -1.54 -15.13 18.07
N ASP B 142 -2.42 -15.97 18.61
CA ASP B 142 -2.03 -16.99 19.60
C ASP B 142 -1.09 -18.01 18.99
N ASN B 143 -1.39 -18.42 17.77
CA ASN B 143 -0.54 -19.33 17.02
C ASN B 143 0.79 -18.71 16.62
N ILE B 144 0.79 -17.40 16.35
CA ILE B 144 2.00 -16.67 15.99
C ILE B 144 2.91 -16.49 17.23
N ILE B 145 2.34 -16.03 18.36
CA ILE B 145 3.04 -16.02 19.66
C ILE B 145 3.86 -17.31 19.86
N SER B 146 3.22 -18.46 19.67
CA SER B 146 3.82 -19.81 19.83
C SER B 146 5.10 -20.06 19.04
N GLN B 147 5.23 -19.40 17.88
CA GLN B 147 6.39 -19.57 17.00
C GLN B 147 7.66 -18.92 17.54
N GLY B 148 7.51 -17.98 18.47
CA GLY B 148 8.63 -17.28 19.10
C GLY B 148 9.46 -16.46 18.14
N VAL B 149 8.78 -15.79 17.20
CA VAL B 149 9.44 -15.00 16.16
C VAL B 149 9.27 -13.50 16.37
N LEU B 150 8.17 -13.11 17.02
CA LEU B 150 7.83 -11.71 17.23
C LEU B 150 8.71 -11.06 18.28
N LYS B 151 9.09 -9.81 18.01
CA LYS B 151 9.85 -9.00 18.96
C LYS B 151 9.09 -8.76 20.28
N GLU B 152 7.80 -8.46 20.16
CA GLU B 152 6.90 -8.28 21.31
C GLU B 152 5.58 -8.97 21.01
N ASP B 153 4.95 -9.56 22.03
CA ASP B 153 3.63 -10.18 21.88
C ASP B 153 2.55 -9.11 21.83
N VAL B 154 2.61 -8.36 20.75
CA VAL B 154 1.98 -7.07 20.58
C VAL B 154 1.61 -6.95 19.10
N PHE B 155 0.51 -6.26 18.82
CA PHE B 155 0.20 -5.87 17.45
C PHE B 155 -0.44 -4.49 17.44
N SER B 156 -0.23 -3.76 16.36
CA SER B 156 -0.58 -2.36 16.28
C SER B 156 -1.40 -2.02 15.04
N PHE B 157 -2.30 -1.06 15.22
CA PHE B 157 -3.19 -0.60 14.16
C PHE B 157 -3.03 0.89 13.90
N TYR B 158 -2.88 1.22 12.62
CA TYR B 158 -2.99 2.59 12.13
C TYR B 158 -4.11 2.64 11.08
N TYR B 159 -5.06 3.56 11.28
CA TYR B 159 -6.08 3.85 10.29
C TYR B 159 -5.96 5.30 9.89
N ASN B 160 -5.75 5.53 8.59
CA ASN B 160 -5.67 6.87 8.03
C ASN B 160 -7.05 7.46 7.75
N ARG B 161 -7.11 8.79 7.71
CA ARG B 161 -8.28 9.57 7.30
C ARG B 161 -8.40 9.64 5.77
N ASP B 162 -9.31 10.50 5.31
CA ASP B 162 -9.45 10.91 3.88
C ASP B 162 -9.32 9.75 2.90
N SER B 163 -10.26 8.82 3.00
CA SER B 163 -10.39 7.65 2.13
C SER B 163 -10.34 7.99 0.64
N GLU B 164 -10.92 9.13 0.28
CA GLU B 164 -11.03 9.59 -1.10
C GLU B 164 -9.71 10.00 -1.78
N ASN B 165 -8.61 10.02 -1.03
CA ASN B 165 -7.27 10.20 -1.61
C ASN B 165 -6.46 8.90 -1.55
N SER B 166 -6.20 8.33 -2.73
CA SER B 166 -5.40 7.10 -2.88
C SER B 166 -3.89 7.37 -2.76
N GLN B 167 -3.51 8.65 -2.81
CA GLN B 167 -2.12 9.09 -2.63
C GLN B 167 -1.56 8.85 -1.21
N SER B 168 -2.39 8.31 -0.32
CA SER B 168 -1.99 7.94 1.04
C SER B 168 -2.49 6.55 1.41
N LEU B 169 -1.66 5.78 2.12
CA LEU B 169 -2.05 4.43 2.57
C LEU B 169 -3.26 4.50 3.48
N GLY B 170 -4.14 3.52 3.34
CA GLY B 170 -5.38 3.48 4.12
C GLY B 170 -5.11 3.15 5.58
N GLY B 171 -4.03 2.41 5.80
CA GLY B 171 -3.60 2.07 7.13
C GLY B 171 -2.52 1.02 7.13
N GLN B 172 -2.24 0.49 8.32
CA GLN B 172 -1.17 -0.49 8.55
C GLN B 172 -1.42 -1.19 9.87
N ILE B 173 -1.40 -2.52 9.82
CA ILE B 173 -1.28 -3.35 11.03
C ILE B 173 0.17 -3.81 11.13
N VAL B 174 0.78 -3.64 12.30
CA VAL B 174 2.10 -4.18 12.57
C VAL B 174 1.96 -5.29 13.61
N LEU B 175 2.41 -6.49 13.25
CA LEU B 175 2.51 -7.60 14.21
C LEU B 175 3.91 -7.62 14.82
N GLY B 176 3.98 -7.71 16.15
CA GLY B 176 5.28 -7.77 16.83
C GLY B 176 5.86 -6.43 17.28
N GLY B 177 5.15 -5.35 16.98
CA GLY B 177 5.61 -4.03 17.37
C GLY B 177 4.66 -2.97 16.88
N SER B 178 5.23 -1.77 16.70
CA SER B 178 4.51 -0.62 16.20
C SER B 178 5.37 0.14 15.20
N ASP B 179 4.72 0.89 14.33
CA ASP B 179 5.42 1.80 13.43
C ASP B 179 5.40 3.20 14.02
N PRO B 180 6.56 3.71 14.49
CA PRO B 180 6.59 5.07 15.05
C PRO B 180 6.43 6.18 14.00
N GLN B 181 6.50 5.83 12.71
CA GLN B 181 6.24 6.80 11.65
C GLN B 181 4.78 7.23 11.62
N HIS B 182 3.90 6.46 12.26
CA HIS B 182 2.46 6.76 12.24
C HIS B 182 1.83 7.22 13.57
N TYR B 183 2.67 7.60 14.54
CA TYR B 183 2.20 8.26 15.77
C TYR B 183 3.21 9.27 16.34
N GLU B 184 2.69 10.25 17.08
CA GLU B 184 3.52 11.23 17.79
C GLU B 184 3.71 10.83 19.26
N GLY B 185 4.93 10.98 19.74
CA GLY B 185 5.25 10.73 21.14
C GLY B 185 5.26 9.26 21.55
N ASN B 186 4.78 9.00 22.75
CA ASN B 186 4.81 7.67 23.37
C ASN B 186 3.42 7.19 23.74
N PHE B 187 3.22 5.86 23.74
CA PHE B 187 1.97 5.26 24.19
C PHE B 187 1.70 5.50 25.67
N HIS B 188 0.43 5.73 25.97
CA HIS B 188 -0.13 5.52 27.30
C HIS B 188 -1.05 4.30 27.21
N TYR B 189 -0.88 3.40 28.18
CA TYR B 189 -1.57 2.10 28.23
C TYR B 189 -2.74 2.08 29.20
N ILE B 190 -3.81 1.40 28.81
CA ILE B 190 -4.93 1.11 29.71
C ILE B 190 -5.06 -0.40 29.80
N ASN B 191 -4.93 -0.92 31.01
CA ASN B 191 -5.08 -2.35 31.29
C ASN B 191 -6.52 -2.79 31.10
N LEU B 192 -6.68 -4.01 30.58
CA LEU B 192 -8.00 -4.63 30.43
C LEU B 192 -8.63 -4.89 31.79
N ILE B 193 -9.97 -4.90 31.81
CA ILE B 193 -10.75 -5.25 33.01
C ILE B 193 -10.46 -6.72 33.40
N LYS B 194 -10.38 -7.58 32.38
CA LYS B 194 -10.06 -9.00 32.53
C LYS B 194 -9.47 -9.50 31.23
N THR B 195 -8.86 -10.69 31.27
CA THR B 195 -8.42 -11.39 30.06
C THR B 195 -9.64 -11.87 29.26
N GLY B 196 -9.43 -12.16 27.98
CA GLY B 196 -10.49 -12.76 27.16
C GLY B 196 -11.19 -11.83 26.18
N VAL B 197 -10.99 -10.52 26.36
CA VAL B 197 -11.70 -9.50 25.58
C VAL B 197 -10.92 -8.17 25.59
N TRP B 198 -10.77 -7.56 24.41
CA TRP B 198 -10.15 -6.22 24.30
C TRP B 198 -11.10 -5.12 24.79
N GLN B 199 -11.36 -5.14 26.09
CA GLN B 199 -12.33 -4.24 26.71
C GLN B 199 -11.69 -3.56 27.92
N ILE B 200 -11.88 -2.25 28.00
CA ILE B 200 -11.29 -1.42 29.04
C ILE B 200 -12.34 -0.63 29.82
N GLN B 201 -12.00 -0.22 31.04
CA GLN B 201 -12.86 0.64 31.87
C GLN B 201 -12.78 2.06 31.33
N MET B 202 -13.95 2.69 31.13
CA MET B 202 -14.04 4.10 30.78
C MET B 202 -14.61 4.89 31.96
N LYS B 203 -13.96 5.99 32.31
CA LYS B 203 -14.32 6.76 33.49
C LYS B 203 -14.99 8.09 33.14
N GLY B 204 -15.60 8.16 31.95
CA GLY B 204 -16.34 9.34 31.52
C GLY B 204 -16.30 9.65 30.03
N VAL B 205 -17.45 10.04 29.49
CA VAL B 205 -17.56 10.59 28.13
C VAL B 205 -18.08 12.03 28.21
N SER B 206 -17.24 12.97 27.80
CA SER B 206 -17.54 14.40 27.93
C SER B 206 -17.90 15.05 26.60
N VAL B 207 -18.93 15.88 26.67
CA VAL B 207 -19.27 16.80 25.58
C VAL B 207 -18.80 18.16 26.05
N GLY B 208 -17.84 18.72 25.32
CA GLY B 208 -17.17 19.97 25.70
C GLY B 208 -16.34 19.77 26.96
N SER B 209 -16.73 20.50 28.01
CA SER B 209 -16.06 20.42 29.32
C SER B 209 -16.81 19.53 30.31
N SER B 210 -18.12 19.38 30.12
CA SER B 210 -18.97 18.62 31.06
C SER B 210 -19.14 17.15 30.67
N THR B 211 -18.96 16.29 31.66
CA THR B 211 -19.07 14.83 31.51
C THR B 211 -20.54 14.40 31.52
N LEU B 212 -21.17 14.49 30.35
CA LEU B 212 -22.57 14.13 30.15
C LEU B 212 -22.85 12.65 30.43
N LEU B 213 -21.97 11.78 29.94
CA LEU B 213 -22.19 10.33 29.99
C LEU B 213 -21.06 9.60 30.69
N CYS B 214 -21.33 8.35 31.08
CA CYS B 214 -20.36 7.46 31.73
C CYS B 214 -19.91 7.95 33.12
N GLU B 215 -20.83 8.59 33.84
CA GLU B 215 -20.55 9.18 35.16
C GLU B 215 -20.03 8.15 36.16
N ASP B 216 -20.62 6.96 36.14
CA ASP B 216 -20.33 5.90 37.12
C ASP B 216 -19.48 4.76 36.56
N GLY B 217 -18.94 4.96 35.36
CA GLY B 217 -18.09 3.97 34.70
C GLY B 217 -18.77 3.24 33.56
N CYS B 218 -17.96 2.81 32.58
CA CYS B 218 -18.43 2.04 31.43
C CYS B 218 -17.44 0.97 31.03
N LEU B 219 -17.97 -0.03 30.32
CA LEU B 219 -17.15 -0.93 29.54
C LEU B 219 -16.97 -0.29 28.18
N ALA B 220 -15.72 -0.24 27.72
CA ALA B 220 -15.38 0.24 26.39
C ALA B 220 -14.58 -0.82 25.66
N LEU B 221 -15.18 -1.37 24.60
CA LEU B 221 -14.53 -2.32 23.72
C LEU B 221 -13.71 -1.57 22.68
N VAL B 222 -12.44 -1.92 22.54
CA VAL B 222 -11.61 -1.31 21.50
C VAL B 222 -11.63 -2.25 20.30
N ASP B 223 -12.41 -1.87 19.29
CA ASP B 223 -12.75 -2.78 18.18
C ASP B 223 -12.27 -2.27 16.82
N THR B 224 -11.20 -2.88 16.32
CA THR B 224 -10.61 -2.50 15.04
C THR B 224 -11.48 -2.92 13.85
N GLY B 225 -12.35 -3.90 14.07
CA GLY B 225 -13.28 -4.38 13.05
C GLY B 225 -14.59 -3.61 12.93
N ALA B 226 -14.74 -2.58 13.75
CA ALA B 226 -15.93 -1.71 13.75
C ALA B 226 -15.65 -0.35 13.09
N SER B 227 -16.65 0.20 12.40
CA SER B 227 -16.50 1.49 11.71
C SER B 227 -16.43 2.68 12.66
N TYR B 228 -17.31 2.68 13.65
CA TYR B 228 -17.61 3.88 14.40
C TYR B 228 -17.27 3.77 15.88
N ILE B 229 -17.25 4.92 16.56
CA ILE B 229 -17.45 4.94 18.01
C ILE B 229 -18.93 4.65 18.22
N SER B 230 -19.22 3.69 19.08
CA SER B 230 -20.60 3.36 19.39
C SER B 230 -20.84 3.26 20.88
N GLY B 231 -22.10 3.50 21.26
CA GLY B 231 -22.60 3.26 22.60
C GLY B 231 -24.02 2.74 22.47
N SER B 232 -24.60 2.38 23.62
CA SER B 232 -25.99 1.93 23.69
C SER B 232 -26.95 2.99 23.15
N THR B 233 -28.14 2.56 22.73
CA THR B 233 -29.17 3.45 22.18
C THR B 233 -29.40 4.71 23.02
N SER B 234 -29.64 4.53 24.33
CA SER B 234 -29.87 5.65 25.24
C SER B 234 -28.67 6.58 25.39
N SER B 235 -27.46 6.00 25.41
CA SER B 235 -26.20 6.77 25.51
C SER B 235 -26.03 7.72 24.31
N ILE B 236 -26.16 7.16 23.12
CA ILE B 236 -26.00 7.89 21.86
C ILE B 236 -27.12 8.91 21.67
N GLU B 237 -28.35 8.56 22.05
CA GLU B 237 -29.47 9.50 22.00
C GLU B 237 -29.23 10.73 22.89
N LYS B 238 -28.67 10.51 24.08
CA LYS B 238 -28.33 11.59 25.00
C LYS B 238 -27.17 12.43 24.47
N LEU B 239 -26.19 11.75 23.86
CA LEU B 239 -25.04 12.40 23.24
C LEU B 239 -25.42 13.29 22.06
N MET B 240 -26.27 12.76 21.19
CA MET B 240 -26.66 13.48 19.97
C MET B 240 -27.54 14.68 20.25
N GLU B 241 -28.35 14.56 21.31
CA GLU B 241 -29.18 15.65 21.81
C GLU B 241 -28.27 16.77 22.33
N ALA B 242 -27.17 16.40 22.99
CA ALA B 242 -26.19 17.35 23.53
C ALA B 242 -25.40 18.06 22.43
N LEU B 243 -25.19 17.37 21.31
CA LEU B 243 -24.49 17.95 20.17
C LEU B 243 -25.40 18.80 19.29
N GLY B 244 -26.70 18.51 19.31
CA GLY B 244 -27.68 19.18 18.45
C GLY B 244 -28.02 18.40 17.20
N ALA B 245 -27.51 17.17 17.13
CA ALA B 245 -27.76 16.25 16.01
C ALA B 245 -29.15 15.63 16.05
N LYS B 246 -29.78 15.54 14.88
CA LYS B 246 -31.10 14.92 14.74
C LYS B 246 -30.99 13.61 13.94
N LYS B 247 -31.80 12.63 14.34
CA LYS B 247 -31.88 11.34 13.64
C LYS B 247 -32.65 11.56 12.34
N ARG B 248 -31.97 11.31 11.22
CA ARG B 248 -32.42 11.64 9.87
C ARG B 248 -33.68 10.83 9.47
N LEU B 249 -33.44 9.66 8.90
CA LEU B 249 -34.45 8.66 8.54
C LEU B 249 -33.78 7.31 8.75
N PHE B 250 -32.47 7.34 8.97
CA PHE B 250 -31.67 6.15 9.23
C PHE B 250 -30.68 6.32 10.40
N ASP B 251 -29.89 7.41 10.38
CA ASP B 251 -28.90 7.69 11.45
C ASP B 251 -28.73 9.20 11.75
N TYR B 252 -27.63 9.59 12.39
CA TYR B 252 -27.47 10.95 12.96
C TYR B 252 -26.75 11.99 12.09
N VAL B 253 -27.43 13.11 11.85
CA VAL B 253 -26.92 14.20 11.00
C VAL B 253 -26.83 15.55 11.71
N VAL B 254 -25.94 16.41 11.21
CA VAL B 254 -25.94 17.84 11.51
C VAL B 254 -25.90 18.59 10.17
N LYS B 255 -26.26 19.87 10.19
CA LYS B 255 -25.98 20.77 9.07
C LYS B 255 -24.46 20.87 8.90
N CYS B 256 -23.99 20.62 7.68
CA CYS B 256 -22.55 20.49 7.37
C CYS B 256 -21.68 21.69 7.79
N ASN B 257 -22.21 22.91 7.65
CA ASN B 257 -21.55 24.11 8.15
C ASN B 257 -21.40 24.14 9.67
N GLU B 258 -22.35 23.51 10.37
CA GLU B 258 -22.39 23.53 11.83
C GLU B 258 -21.38 22.59 12.48
N GLY B 259 -20.92 21.58 11.73
CA GLY B 259 -19.86 20.69 12.17
C GLY B 259 -18.74 21.35 12.96
N PRO B 260 -18.07 22.38 12.38
CA PRO B 260 -17.05 23.20 13.06
C PRO B 260 -17.40 23.78 14.44
N THR B 261 -18.69 23.93 14.75
CA THR B 261 -19.13 24.52 16.04
C THR B 261 -19.37 23.49 17.15
N LEU B 262 -19.40 22.22 16.77
CA LEU B 262 -19.67 21.13 17.70
C LEU B 262 -18.53 20.93 18.69
N PRO B 263 -18.86 20.78 19.99
CA PRO B 263 -17.92 20.48 21.08
C PRO B 263 -17.07 19.24 20.87
N ASP B 264 -15.86 19.26 21.43
CA ASP B 264 -14.98 18.09 21.45
C ASP B 264 -15.64 16.99 22.27
N ILE B 265 -15.51 15.75 21.79
CA ILE B 265 -15.98 14.61 22.57
C ILE B 265 -14.74 13.94 23.15
N SER B 266 -14.73 13.81 24.47
CA SER B 266 -13.59 13.26 25.20
C SER B 266 -13.92 11.98 25.92
N PHE B 267 -13.00 11.02 25.85
CA PHE B 267 -13.17 9.70 26.42
C PHE B 267 -12.12 9.49 27.49
N HIS B 268 -12.57 9.42 28.74
CA HIS B 268 -11.68 9.26 29.89
C HIS B 268 -11.27 7.81 30.06
N LEU B 269 -10.02 7.51 29.71
CA LEU B 269 -9.46 6.16 29.76
C LEU B 269 -8.08 6.16 30.39
N GLY B 270 -7.94 5.41 31.49
CA GLY B 270 -6.66 5.26 32.20
C GLY B 270 -6.07 6.57 32.72
N GLY B 271 -6.93 7.46 33.21
CA GLY B 271 -6.49 8.76 33.73
C GLY B 271 -6.50 9.86 32.67
N LYS B 272 -5.94 9.56 31.50
CA LYS B 272 -5.86 10.52 30.39
C LYS B 272 -7.22 10.75 29.72
N GLU B 273 -7.38 11.95 29.15
CA GLU B 273 -8.55 12.30 28.33
C GLU B 273 -8.25 12.08 26.85
N TYR B 274 -9.08 11.31 26.17
CA TYR B 274 -8.91 11.02 24.75
C TYR B 274 -9.92 11.82 23.94
N THR B 275 -9.43 12.97 23.48
CA THR B 275 -10.25 14.02 22.87
C THR B 275 -10.35 13.87 21.34
N LEU B 276 -11.59 13.83 20.86
CA LEU B 276 -11.89 13.93 19.44
C LEU B 276 -12.62 15.25 19.19
N THR B 277 -12.09 16.03 18.24
CA THR B 277 -12.77 17.26 17.79
C THR B 277 -13.85 16.86 16.79
N SER B 278 -14.67 17.83 16.40
CA SER B 278 -15.72 17.56 15.42
C SER B 278 -15.15 17.18 14.04
N ALA B 279 -13.96 17.69 13.71
CA ALA B 279 -13.23 17.25 12.51
C ALA B 279 -12.90 15.75 12.57
N ASP B 280 -12.82 15.18 13.78
CA ASP B 280 -12.54 13.75 13.96
C ASP B 280 -13.79 12.87 13.91
N TYR B 281 -14.97 13.42 14.24
CA TYR B 281 -16.21 12.60 14.27
C TYR B 281 -17.35 13.01 13.32
N VAL B 282 -17.16 14.09 12.57
CA VAL B 282 -18.14 14.49 11.55
C VAL B 282 -17.54 14.19 10.19
N PHE B 283 -18.27 13.43 9.37
CA PHE B 283 -17.89 13.21 7.99
C PHE B 283 -18.12 14.49 7.20
N GLN B 284 -17.13 15.37 7.22
CA GLN B 284 -17.23 16.69 6.59
C GLN B 284 -17.06 16.58 5.07
N GLU B 285 -18.05 15.95 4.44
CA GLU B 285 -18.16 15.82 2.98
C GLU B 285 -18.33 17.19 2.35
N SER B 286 -18.87 18.12 3.15
CA SER B 286 -19.09 19.51 2.76
C SER B 286 -19.02 20.41 4.00
N TYR B 287 -18.95 21.72 3.79
CA TYR B 287 -19.08 22.70 4.88
C TYR B 287 -20.23 23.64 4.58
N SER B 288 -21.18 23.14 3.80
CA SER B 288 -22.31 23.90 3.29
C SER B 288 -23.40 24.12 4.35
N SER B 289 -24.08 25.26 4.24
CA SER B 289 -25.32 25.54 4.96
C SER B 289 -26.50 24.78 4.33
N LYS B 290 -26.25 24.16 3.18
CA LYS B 290 -27.27 23.55 2.33
C LYS B 290 -27.29 22.01 2.40
N LYS B 291 -26.34 21.42 3.13
CA LYS B 291 -26.18 19.96 3.20
C LYS B 291 -26.16 19.37 4.62
N LEU B 292 -26.57 18.10 4.72
CA LEU B 292 -26.55 17.37 5.99
C LEU B 292 -25.34 16.44 6.05
N CYS B 293 -24.61 16.51 7.16
CA CYS B 293 -23.40 15.71 7.36
C CYS B 293 -23.62 14.67 8.44
N THR B 294 -23.25 13.43 8.13
CA THR B 294 -23.42 12.32 9.08
C THR B 294 -22.25 12.26 10.05
N LEU B 295 -22.53 11.72 11.24
CA LEU B 295 -21.52 11.59 12.28
C LEU B 295 -20.98 10.17 12.32
N ALA B 296 -19.69 10.04 12.64
CA ALA B 296 -19.03 8.74 12.69
C ALA B 296 -19.21 8.05 14.06
N ILE B 297 -20.38 8.30 14.65
CA ILE B 297 -20.78 7.76 15.95
C ILE B 297 -22.18 7.17 15.80
N HIS B 298 -22.33 5.93 16.23
CA HIS B 298 -23.58 5.18 16.05
C HIS B 298 -24.12 4.60 17.34
N ALA B 299 -25.43 4.37 17.37
CA ALA B 299 -26.08 3.56 18.39
C ALA B 299 -25.81 2.09 18.06
N MET B 300 -25.44 1.32 19.08
CA MET B 300 -25.14 -0.10 18.94
C MET B 300 -25.33 -0.78 20.27
N ASP B 301 -26.39 -1.58 20.36
CA ASP B 301 -26.68 -2.33 21.59
C ASP B 301 -26.02 -3.69 21.52
N ILE B 302 -24.85 -3.79 22.17
CA ILE B 302 -24.09 -5.02 22.26
C ILE B 302 -24.64 -5.83 23.44
N PRO B 303 -25.01 -7.12 23.22
CA PRO B 303 -25.61 -7.94 24.28
C PRO B 303 -24.60 -8.45 25.32
N PRO B 304 -25.10 -8.94 26.49
CA PRO B 304 -24.28 -9.74 27.43
C PRO B 304 -23.58 -10.95 26.77
N PRO B 305 -22.41 -11.38 27.28
CA PRO B 305 -21.75 -10.76 28.44
C PRO B 305 -20.88 -9.54 28.10
N THR B 306 -20.57 -9.37 26.81
CA THR B 306 -19.72 -8.26 26.35
C THR B 306 -20.32 -6.88 26.65
N GLY B 307 -21.63 -6.75 26.45
CA GLY B 307 -22.35 -5.49 26.69
C GLY B 307 -23.37 -5.52 27.81
N PRO B 308 -24.06 -4.40 28.08
CA PRO B 308 -23.94 -3.15 27.30
C PRO B 308 -22.57 -2.48 27.41
N THR B 309 -22.06 -2.01 26.28
CA THR B 309 -20.71 -1.46 26.19
C THR B 309 -20.56 -0.45 25.06
N TRP B 310 -19.79 0.60 25.31
CA TRP B 310 -19.25 1.43 24.25
C TRP B 310 -18.25 0.60 23.44
N ALA B 311 -18.07 0.97 22.18
CA ALA B 311 -17.09 0.35 21.31
C ALA B 311 -16.32 1.44 20.58
N LEU B 312 -15.01 1.45 20.76
CA LEU B 312 -14.13 2.41 20.12
C LEU B 312 -13.59 1.82 18.81
N GLY B 313 -14.29 2.12 17.72
CA GLY B 313 -13.96 1.59 16.40
C GLY B 313 -13.00 2.45 15.60
N ALA B 314 -13.13 2.35 14.27
CA ALA B 314 -12.26 3.07 13.33
C ALA B 314 -12.20 4.57 13.60
N THR B 315 -13.34 5.17 13.94
CA THR B 315 -13.45 6.60 14.29
C THR B 315 -12.44 7.02 15.37
N PHE B 316 -12.33 6.21 16.43
CA PHE B 316 -11.40 6.44 17.53
C PHE B 316 -9.96 6.13 17.11
N ILE B 317 -9.76 4.94 16.51
CA ILE B 317 -8.44 4.47 16.06
C ILE B 317 -7.78 5.46 15.08
N ARG B 318 -8.59 6.09 14.23
CA ARG B 318 -8.12 7.13 13.31
C ARG B 318 -7.35 8.22 14.06
N LYS B 319 -7.92 8.68 15.17
CA LYS B 319 -7.31 9.69 16.01
C LYS B 319 -6.16 9.13 16.85
N PHE B 320 -6.33 7.91 17.36
CA PHE B 320 -5.33 7.32 18.24
C PHE B 320 -4.78 6.00 17.72
N TYR B 321 -3.54 6.07 17.23
CA TYR B 321 -2.75 4.88 16.89
C TYR B 321 -2.81 3.90 18.07
N THR B 322 -3.19 2.66 17.79
CA THR B 322 -3.54 1.71 18.83
C THR B 322 -2.59 0.51 18.86
N GLU B 323 -2.07 0.22 20.05
CA GLU B 323 -1.29 -1.00 20.27
C GLU B 323 -2.02 -1.98 21.19
N PHE B 324 -2.08 -3.24 20.77
CA PHE B 324 -2.69 -4.29 21.54
C PHE B 324 -1.60 -5.20 22.11
N ASP B 325 -1.49 -5.18 23.43
CA ASP B 325 -0.42 -5.81 24.18
C ASP B 325 -0.93 -7.08 24.84
N ARG B 326 -0.64 -8.22 24.22
CA ARG B 326 -1.06 -9.53 24.72
C ARG B 326 -0.21 -10.06 25.87
N ARG B 327 1.05 -9.62 25.93
CA ARG B 327 1.95 -9.92 27.03
C ARG B 327 1.42 -9.34 28.35
N ASN B 328 0.90 -8.10 28.28
CA ASN B 328 0.51 -7.35 29.46
C ASN B 328 -0.99 -7.11 29.63
N ASN B 329 -1.79 -7.62 28.70
CA ASN B 329 -3.27 -7.42 28.67
C ASN B 329 -3.65 -5.96 28.86
N ARG B 330 -3.23 -5.15 27.89
CA ARG B 330 -3.43 -3.71 27.92
C ARG B 330 -3.44 -3.16 26.50
N ILE B 331 -3.97 -1.95 26.37
CA ILE B 331 -4.10 -1.29 25.09
C ILE B 331 -3.38 0.07 25.13
N GLY B 332 -2.45 0.25 24.19
CA GLY B 332 -1.70 1.49 24.06
C GLY B 332 -2.33 2.42 23.06
N PHE B 333 -2.39 3.70 23.43
CA PHE B 333 -2.84 4.73 22.52
C PHE B 333 -1.79 5.81 22.40
N ALA B 334 -1.58 6.27 21.18
CA ALA B 334 -0.79 7.46 20.90
C ALA B 334 -1.46 8.24 19.78
N LEU B 335 -1.14 9.53 19.70
CA LEU B 335 -1.72 10.40 18.70
C LEU B 335 -1.23 10.00 17.31
N ALA B 336 -2.15 9.53 16.47
CA ALA B 336 -1.86 9.07 15.12
C ALA B 336 -1.44 10.22 14.20
N ARG B 337 -0.71 9.91 13.13
CA ARG B 337 -0.34 10.88 12.10
C ARG B 337 -0.18 10.25 10.70
C1 NAG C . 34.49 10.58 -27.00
C2 NAG C . 35.83 10.92 -27.64
C3 NAG C . 36.41 9.70 -28.39
C4 NAG C . 36.52 8.50 -27.44
C5 NAG C . 35.18 8.21 -26.77
C6 NAG C . 35.31 7.14 -25.68
C7 NAG C . 36.27 13.28 -28.18
C8 NAG C . 36.14 14.35 -29.22
N2 NAG C . 35.78 12.08 -28.52
O3 NAG C . 37.69 10.01 -28.94
O4 NAG C . 37.00 7.36 -28.17
O5 NAG C . 34.61 9.40 -26.17
O6 NAG C . 34.87 5.90 -26.23
O7 NAG C . 36.79 13.51 -27.10
C4 6VR D . 10.87 7.47 -19.67
C6 6VR D . 10.48 4.93 -19.33
C7 6VR D . 10.90 4.66 -20.79
C8 6VR D . 11.36 3.20 -20.97
C15 6VR D . 7.91 8.65 -19.35
C17 6VR D . 7.18 10.36 -17.99
C21 6VR D . 8.35 8.44 -14.46
C22 6VR D . 8.79 7.50 -13.36
C24 6VR D . 9.82 6.60 -11.63
C28 6VR D . 7.55 12.76 -18.52
C1 6VR D . 11.81 8.06 -17.32
C2 6VR D . 12.00 8.09 -18.84
C3 6VR D . 12.16 9.56 -19.28
N5 6VR D . 10.06 6.34 -19.13
C9 6VR D . 12.53 2.92 -20.02
N10 6VR D . 12.08 3.14 -18.63
C11 6VR D . 11.57 4.49 -18.34
C12 6VR D . 8.88 6.56 -18.47
O13 6VR D . 8.22 5.60 -18.06
C14 6VR D . 8.30 7.89 -18.23
N16 6VR D . 7.38 9.85 -19.19
N18 6VR D . 7.50 9.68 -16.90
C19 6VR D . 8.06 8.45 -16.95
N20 6VR D . 8.39 7.78 -15.77
C23 6VR D . 9.76 7.74 -12.46
C25 6VR D . 8.89 5.74 -12.06
O26 6VR D . 8.26 6.28 -13.11
C27 6VR D . 6.57 11.75 -17.91
C29 6VR D . 5.23 11.81 -18.65
C30 6VR D . 6.33 12.19 -16.46
C1 NAG E . -10.94 -30.67 13.78
C2 NAG E . -11.26 -31.98 14.51
C3 NAG E . -11.88 -31.80 15.92
C4 NAG E . -11.35 -30.59 16.70
C5 NAG E . -11.23 -29.35 15.80
C6 NAG E . -10.70 -28.11 16.53
C7 NAG E . -11.86 -33.62 12.74
C8 NAG E . -13.02 -34.30 12.07
N2 NAG E . -12.20 -32.76 13.72
O3 NAG E . -11.68 -32.97 16.69
O4 NAG E . -12.22 -30.32 17.81
O5 NAG E . -10.40 -29.68 14.67
O6 NAG E . -9.43 -28.36 17.14
O7 NAG E . -10.70 -33.85 12.41
C4 6VR F . -18.31 -7.33 11.76
C6 6VR F . -17.76 -6.18 14.03
C7 6VR F . -18.78 -7.04 14.84
C8 6VR F . -18.37 -7.17 16.31
C15 6VR F . -20.30 -5.16 10.40
C17 6VR F . -20.00 -4.47 8.21
C21 6VR F . -16.41 -2.52 9.12
C22 6VR F . -14.97 -2.28 9.47
C24 6VR F . -12.76 -2.37 9.56
C28 6VR F . -21.89 -3.57 6.84
C1 6VR F . -16.05 -6.88 10.54
C2 6VR F . -17.09 -7.90 11.02
C3 6VR F . -17.60 -8.69 9.81
N5 6VR F . -18.18 -6.11 12.61
C9 6VR F . -16.93 -7.71 16.40
N10 6VR F . -16.01 -6.81 15.69
C11 6VR F . -16.32 -6.67 14.25
C12 6VR F . -18.53 -4.87 12.12
O13 6VR F . -18.45 -3.88 12.82
C14 6VR F . -19.00 -4.70 10.73
N16 6VR F . -20.74 -5.03 9.17
N18 6VR F . -18.77 -4.03 8.46
C19 6VR F . -18.23 -4.11 9.68
N20 6VR F . -16.96 -3.62 9.91
C23 6VR F . -13.91 -2.92 8.96
C25 6VR F . -13.18 -1.41 10.40
O26 6VR F . -14.52 -1.36 10.34
C27 6VR F . -20.58 -4.36 6.80
C29 6VR F . -19.61 -3.64 5.85
C30 6VR F . -20.82 -5.76 6.24
C1 PEG G . -1.03 -10.44 31.65
O1 PEG G . -1.63 -11.67 31.19
C2 PEG G . -1.79 -9.94 32.87
O2 PEG G . -1.89 -8.52 32.82
C3 PEG G . -2.82 -8.03 33.79
C4 PEG G . -3.69 -6.95 33.18
O4 PEG G . -5.07 -7.33 33.27
#